data_4RGV
#
_entry.id   4RGV
#
_cell.length_a   49.765
_cell.length_b   59.552
_cell.length_c   119.825
_cell.angle_alpha   90.00
_cell.angle_beta   90.39
_cell.angle_gamma   90.00
#
_symmetry.space_group_name_H-M   'P 1 21 1'
#
loop_
_entity.id
_entity.type
_entity.pdbx_description
1 polymer 'Glycerol-1-phosphate dehydrogenase'
2 non-polymer 'MAGNESIUM ION'
3 non-polymer 'ZINC ION'
4 water water
#
_entity_poly.entity_id   1
_entity_poly.type   'polypeptide(L)'
_entity_poly.pdbx_seq_one_letter_code
;MHHHHHHGKPIPNPLLGLDSTENLYFQGIDPFTMIIVTPRYTIIEDGAINKIEEILKKLNLKNPLVITGKNTKKYCRFFY
DIVYYDEILNNLEIELKKYTAYDCVIGIGGGRSIDTGKYLAYKLGIPFISVPTTASNDGIASPIVSIRQPSFMVDAPIAI
IADTEIIKKSPRRLLSAGMGDIVSNITAVLDWKLAYKEKGEKYSESSAIFSKTIAKELISYVLNSDLSEYHNKLVKALVG
SGIAIAIANSSRPASGSEHLFSHALDKLKEEYNLNINSLHGEQCGIGTIMMSYLHEKENKKLSGLHEKIKMSLKKVDAPT
TAKELGFDEDIIIEALTMAHKIRNRWTILRDGLSREEARKLAEETGVI
;
_entity_poly.pdbx_strand_id   A,B
#
loop_
_chem_comp.id
_chem_comp.type
_chem_comp.name
_chem_comp.formula
MG non-polymer 'MAGNESIUM ION' 'Mg 2'
ZN non-polymer 'ZINC ION' 'Zn 2'
#
# COMPACT_ATOMS: atom_id res chain seq x y z
N ILE A 35 -8.30 12.85 0.51
CA ILE A 35 -7.84 12.26 1.75
C ILE A 35 -7.93 10.74 1.81
N ILE A 36 -6.83 10.10 2.14
CA ILE A 36 -6.70 8.67 2.26
C ILE A 36 -6.53 8.20 3.66
N VAL A 37 -7.42 7.32 4.07
CA VAL A 37 -7.42 6.73 5.38
C VAL A 37 -7.03 5.23 5.36
N THR A 38 -5.94 4.90 6.07
CA THR A 38 -5.45 3.55 6.18
C THR A 38 -5.32 3.19 7.62
N PRO A 39 -5.14 1.91 7.91
CA PRO A 39 -4.73 1.44 9.19
C PRO A 39 -3.43 2.07 9.64
N ARG A 40 -3.27 2.22 10.93
CA ARG A 40 -2.05 2.66 11.50
C ARG A 40 -1.23 1.46 11.88
N TYR A 41 -1.88 0.48 12.49
CA TYR A 41 -1.18 -0.73 12.91
C TYR A 41 -1.82 -1.99 12.34
N THR A 42 -1.02 -2.84 11.71
CA THR A 42 -1.48 -4.12 11.23
C THR A 42 -0.61 -5.26 11.78
N ILE A 43 -1.25 -6.25 12.40
CA ILE A 43 -0.57 -7.40 12.99
C ILE A 43 -1.18 -8.68 12.50
N ILE A 44 -0.34 -9.57 12.03
CA ILE A 44 -0.75 -10.85 11.55
C ILE A 44 0.27 -11.83 12.07
N GLU A 45 -0.08 -12.51 13.16
CA GLU A 45 0.74 -13.54 13.76
C GLU A 45 -0.03 -14.40 14.73
N ASP A 46 0.56 -15.51 15.12
CA ASP A 46 0.04 -16.36 16.18
C ASP A 46 0.14 -15.61 17.47
N GLY A 47 -0.92 -15.66 18.27
CA GLY A 47 -0.94 -14.97 19.53
C GLY A 47 -1.40 -13.53 19.43
N ALA A 48 -1.62 -13.04 18.23
CA ALA A 48 -1.91 -11.60 18.07
C ALA A 48 -2.94 -11.05 19.04
N ILE A 49 -3.92 -11.85 19.45
CA ILE A 49 -5.04 -11.34 20.27
C ILE A 49 -4.57 -10.72 21.59
N ASN A 50 -3.46 -11.21 22.10
CA ASN A 50 -2.90 -10.72 23.34
C ASN A 50 -2.31 -9.31 23.30
N LYS A 51 -2.28 -8.70 22.11
CA LYS A 51 -1.63 -7.43 21.88
C LYS A 51 -2.62 -6.32 21.74
N ILE A 52 -3.89 -6.61 22.03
CA ILE A 52 -4.89 -5.58 21.95
C ILE A 52 -4.54 -4.41 22.91
N GLU A 53 -4.12 -4.70 24.13
CA GLU A 53 -3.80 -3.62 25.07
C GLU A 53 -2.59 -2.82 24.58
N GLU A 54 -1.53 -3.51 24.24
CA GLU A 54 -0.35 -2.89 23.64
C GLU A 54 -0.69 -1.90 22.53
N ILE A 55 -1.66 -2.24 21.70
CA ILE A 55 -2.06 -1.40 20.59
C ILE A 55 -2.91 -0.24 21.02
N LEU A 56 -3.87 -0.50 21.89
CA LEU A 56 -4.69 0.57 22.44
C LEU A 56 -3.83 1.61 23.14
N LYS A 57 -2.76 1.19 23.79
CA LYS A 57 -1.88 2.12 24.46
C LYS A 57 -1.10 2.95 23.47
N LYS A 58 -0.55 2.33 22.46
CA LYS A 58 0.09 3.05 21.34
C LYS A 58 -0.80 4.08 20.64
N LEU A 59 -2.09 3.80 20.57
CA LEU A 59 -3.04 4.72 19.95
C LEU A 59 -3.64 5.66 20.98
N ASN A 60 -3.15 5.65 22.21
CA ASN A 60 -3.83 6.32 23.32
C ASN A 60 -5.34 6.24 23.32
N LEU A 61 -5.83 5.01 23.38
CA LEU A 61 -7.23 4.70 23.56
C LEU A 61 -7.42 3.96 24.87
N LYS A 62 -8.42 4.32 25.64
CA LYS A 62 -8.52 3.83 27.01
C LYS A 62 -9.76 3.07 27.39
N ASN A 63 -10.80 3.13 26.57
CA ASN A 63 -12.06 2.58 26.94
C ASN A 63 -12.84 2.18 25.70
N PRO A 64 -12.52 1.00 25.18
CA PRO A 64 -13.14 0.44 23.99
C PRO A 64 -14.48 -0.23 24.30
N LEU A 65 -15.46 -0.02 23.44
CA LEU A 65 -16.65 -0.89 23.41
C LEU A 65 -16.36 -2.09 22.48
N VAL A 66 -16.54 -3.31 22.99
CA VAL A 66 -16.32 -4.52 22.22
C VAL A 66 -17.65 -5.00 21.63
N ILE A 67 -17.67 -5.19 20.31
CA ILE A 67 -18.78 -5.80 19.58
C ILE A 67 -18.32 -7.18 19.17
N THR A 68 -19.12 -8.19 19.49
CA THR A 68 -18.74 -9.56 19.24
C THR A 68 -20.00 -10.42 19.09
N GLY A 69 -19.80 -11.73 18.96
CA GLY A 69 -20.90 -12.73 18.90
C GLY A 69 -20.75 -13.76 20.01
N LYS A 70 -21.80 -14.55 20.23
CA LYS A 70 -21.83 -15.54 21.34
C LYS A 70 -20.65 -16.54 21.25
N ASN A 71 -20.43 -17.12 20.08
CA ASN A 71 -19.36 -18.11 19.93
C ASN A 71 -17.96 -17.57 20.33
N THR A 72 -17.76 -16.26 20.14
CA THR A 72 -16.43 -15.65 20.31
C THR A 72 -16.18 -14.98 21.71
N LYS A 73 -17.07 -15.15 22.66
CA LYS A 73 -16.81 -14.64 24.04
C LYS A 73 -15.49 -15.22 24.61
N LYS A 74 -15.25 -16.49 24.31
CA LYS A 74 -14.00 -17.20 24.65
C LYS A 74 -12.72 -16.40 24.43
N TYR A 75 -12.71 -15.50 23.45
CA TYR A 75 -11.56 -14.65 23.15
C TYR A 75 -11.61 -13.27 23.81
N CYS A 76 -12.77 -12.92 24.35
CA CYS A 76 -13.02 -11.64 25.00
C CYS A 76 -12.60 -11.72 26.49
N ARG A 77 -11.32 -12.02 26.65
CA ARG A 77 -10.63 -12.11 27.91
C ARG A 77 -10.12 -10.71 28.35
N PHE A 78 -11.02 -9.85 28.76
CA PHE A 78 -10.64 -8.49 29.19
C PHE A 78 -11.76 -7.80 29.92
N PHE A 79 -11.48 -6.64 30.50
CA PHE A 79 -12.47 -5.99 31.36
C PHE A 79 -13.52 -5.18 30.53
N TYR A 80 -13.27 -5.02 29.26
CA TYR A 80 -14.04 -4.07 28.48
C TYR A 80 -15.49 -4.46 28.43
N ASP A 81 -16.35 -3.48 28.25
CA ASP A 81 -17.76 -3.77 28.02
C ASP A 81 -17.91 -4.54 26.75
N ILE A 82 -18.82 -5.49 26.73
CA ILE A 82 -19.05 -6.33 25.59
C ILE A 82 -20.51 -6.25 25.21
N VAL A 83 -20.75 -6.06 23.93
CA VAL A 83 -22.10 -6.02 23.39
C VAL A 83 -22.17 -6.95 22.18
N TYR A 84 -23.29 -7.64 22.00
CA TYR A 84 -23.41 -8.58 20.91
C TYR A 84 -23.97 -7.89 19.69
N TYR A 85 -23.50 -8.26 18.51
CA TYR A 85 -23.87 -7.49 17.31
C TYR A 85 -25.37 -7.39 17.03
N ASP A 86 -26.17 -8.36 17.51
CA ASP A 86 -27.63 -8.28 17.26
C ASP A 86 -28.32 -7.16 18.04
N GLU A 87 -27.87 -6.88 19.27
CA GLU A 87 -28.37 -5.71 20.04
C GLU A 87 -28.30 -4.43 19.18
N ILE A 88 -27.22 -4.27 18.44
CA ILE A 88 -27.03 -3.14 17.51
C ILE A 88 -27.93 -3.21 16.28
N LEU A 89 -27.94 -4.38 15.63
CA LEU A 89 -28.69 -4.58 14.38
C LEU A 89 -30.23 -4.50 14.51
N ASN A 90 -30.74 -4.63 15.74
CA ASN A 90 -32.17 -4.50 16.03
C ASN A 90 -32.60 -3.06 16.39
N ASN A 91 -31.64 -2.25 16.80
CA ASN A 91 -31.92 -0.88 17.23
C ASN A 91 -30.81 0.04 16.78
N LEU A 96 -27.75 6.24 20.85
CA LEU A 96 -26.46 6.85 20.53
C LEU A 96 -25.72 7.37 21.76
N LYS A 97 -26.49 7.89 22.72
CA LYS A 97 -25.94 8.62 23.86
C LYS A 97 -25.65 7.71 25.07
N LYS A 98 -25.82 6.40 24.89
CA LYS A 98 -25.34 5.43 25.88
C LYS A 98 -23.86 5.19 25.61
N TYR A 99 -23.41 5.53 24.39
CA TYR A 99 -22.06 5.23 23.93
C TYR A 99 -21.00 6.32 24.10
N THR A 100 -21.35 7.45 24.73
CA THR A 100 -20.47 8.63 24.75
C THR A 100 -19.15 8.39 25.47
N ALA A 101 -19.15 7.52 26.46
CA ALA A 101 -17.97 7.26 27.25
C ALA A 101 -16.93 6.39 26.56
N TYR A 102 -17.27 5.77 25.44
CA TYR A 102 -16.28 4.94 24.69
C TYR A 102 -15.43 5.77 23.72
N ASP A 103 -14.13 5.41 23.61
CA ASP A 103 -13.21 6.12 22.75
C ASP A 103 -12.82 5.37 21.46
N CYS A 104 -13.20 4.09 21.41
CA CYS A 104 -13.08 3.29 20.23
C CYS A 104 -14.00 2.08 20.30
N VAL A 105 -14.09 1.34 19.21
CA VAL A 105 -14.86 0.12 19.17
C VAL A 105 -13.92 -0.96 18.67
N ILE A 106 -14.00 -2.13 19.29
CA ILE A 106 -13.20 -3.26 18.92
C ILE A 106 -14.18 -4.30 18.48
N GLY A 107 -14.05 -4.74 17.23
CA GLY A 107 -14.87 -5.81 16.69
C GLY A 107 -14.05 -7.11 16.73
N ILE A 108 -14.56 -8.10 17.44
CA ILE A 108 -13.89 -9.37 17.60
C ILE A 108 -14.84 -10.44 17.13
N GLY A 109 -14.38 -11.22 16.16
CA GLY A 109 -15.11 -12.38 15.72
C GLY A 109 -15.19 -12.52 14.22
N GLY A 110 -16.36 -12.97 13.78
CA GLY A 110 -16.65 -13.13 12.37
C GLY A 110 -17.04 -11.84 11.71
N GLY A 111 -17.52 -11.97 10.49
CA GLY A 111 -17.83 -10.83 9.65
C GLY A 111 -18.96 -9.99 10.15
N ARG A 112 -20.02 -10.57 10.72
CA ARG A 112 -21.12 -9.72 11.23
C ARG A 112 -20.58 -8.85 12.36
N SER A 113 -19.71 -9.43 13.16
CA SER A 113 -19.12 -8.71 14.24
C SER A 113 -18.29 -7.56 13.75
N ILE A 114 -17.43 -7.82 12.79
CA ILE A 114 -16.50 -6.80 12.31
C ILE A 114 -17.25 -5.72 11.61
N ASP A 115 -18.20 -6.11 10.79
CA ASP A 115 -19.00 -5.13 10.10
C ASP A 115 -19.91 -4.30 10.96
N THR A 116 -20.48 -4.91 11.99
CA THR A 116 -21.36 -4.15 12.87
C THR A 116 -20.52 -3.20 13.70
N GLY A 117 -19.35 -3.66 14.14
CA GLY A 117 -18.42 -2.80 14.89
C GLY A 117 -17.87 -1.63 14.09
N LYS A 118 -17.56 -1.88 12.83
CA LYS A 118 -17.11 -0.86 11.92
C LYS A 118 -18.18 0.18 11.74
N TYR A 119 -19.40 -0.27 11.52
CA TYR A 119 -20.54 0.63 11.33
C TYR A 119 -20.75 1.56 12.54
N LEU A 120 -20.71 0.98 13.73
CA LEU A 120 -21.02 1.72 14.95
C LEU A 120 -19.93 2.73 15.25
N ALA A 121 -18.68 2.36 14.94
CA ALA A 121 -17.54 3.29 15.13
C ALA A 121 -17.77 4.53 14.26
N TYR A 122 -18.09 4.29 12.99
CA TYR A 122 -18.42 5.34 12.04
C TYR A 122 -19.53 6.23 12.57
N LYS A 123 -20.57 5.63 13.12
CA LYS A 123 -21.67 6.38 13.68
C LYS A 123 -21.27 7.22 14.89
N LEU A 124 -20.44 6.67 15.76
CA LEU A 124 -20.01 7.38 16.96
C LEU A 124 -18.81 8.28 16.67
N GLY A 125 -18.27 8.19 15.46
CA GLY A 125 -17.16 9.06 15.10
C GLY A 125 -15.94 8.72 15.92
N ILE A 126 -15.71 7.42 16.14
CA ILE A 126 -14.54 6.94 16.87
C ILE A 126 -13.87 5.82 16.10
N PRO A 127 -12.61 5.56 16.41
CA PRO A 127 -11.85 4.58 15.68
C PRO A 127 -12.33 3.19 15.91
N PHE A 128 -12.08 2.34 14.92
CA PHE A 128 -12.48 0.93 14.97
C PHE A 128 -11.22 0.06 14.88
N ILE A 129 -11.19 -0.97 15.69
CA ILE A 129 -10.13 -1.94 15.69
C ILE A 129 -10.69 -3.26 15.26
N SER A 130 -10.13 -3.81 14.20
CA SER A 130 -10.54 -5.09 13.66
C SER A 130 -9.76 -6.24 14.20
N VAL A 131 -10.47 -7.18 14.81
CA VAL A 131 -9.85 -8.33 15.41
C VAL A 131 -10.54 -9.57 14.91
N PRO A 132 -10.21 -9.99 13.64
CA PRO A 132 -11.02 -11.12 13.15
C PRO A 132 -10.61 -12.51 13.65
N THR A 133 -11.59 -13.35 13.91
CA THR A 133 -11.38 -14.75 14.33
C THR A 133 -11.58 -15.74 13.18
N THR A 134 -12.15 -15.26 12.07
CA THR A 134 -12.27 -16.01 10.83
C THR A 134 -11.74 -15.15 9.71
N ALA A 135 -11.52 -15.76 8.56
CA ALA A 135 -10.98 -15.06 7.40
C ALA A 135 -11.73 -15.43 6.15
N SER A 136 -13.01 -15.09 6.15
CA SER A 136 -13.86 -15.45 5.04
C SER A 136 -14.00 -14.38 3.98
N ASN A 137 -13.55 -13.16 4.25
CA ASN A 137 -13.70 -12.08 3.29
C ASN A 137 -12.83 -10.92 3.67
N ASP A 138 -12.74 -9.92 2.80
CA ASP A 138 -11.82 -8.80 3.05
C ASP A 138 -12.39 -7.60 3.84
N GLY A 139 -13.60 -7.73 4.38
CA GLY A 139 -14.10 -6.78 5.39
C GLY A 139 -13.22 -6.65 6.64
N ILE A 140 -12.35 -7.64 6.85
CA ILE A 140 -11.36 -7.61 7.93
C ILE A 140 -10.58 -6.31 8.00
N ALA A 141 -10.12 -5.82 6.85
CA ALA A 141 -9.25 -4.65 6.80
C ALA A 141 -9.75 -3.55 5.90
N SER A 142 -10.87 -3.77 5.22
CA SER A 142 -11.31 -2.78 4.26
C SER A 142 -12.09 -1.65 4.93
N PRO A 143 -12.20 -0.51 4.28
CA PRO A 143 -13.06 0.55 4.79
C PRO A 143 -14.51 0.38 4.37
N ILE A 144 -14.93 -0.82 4.02
CA ILE A 144 -16.23 -1.00 3.48
C ILE A 144 -17.16 -1.53 4.53
N VAL A 145 -18.39 -1.05 4.52
CA VAL A 145 -19.41 -1.54 5.44
C VAL A 145 -20.48 -2.19 4.61
N SER A 146 -20.98 -3.33 5.05
CA SER A 146 -22.00 -4.05 4.27
C SER A 146 -23.10 -4.70 5.12
N GLN A 149 -26.54 -3.44 2.28
CA GLN A 149 -26.34 -3.30 0.83
C GLN A 149 -27.25 -2.21 0.19
N PRO A 150 -26.71 -1.34 -0.69
CA PRO A 150 -25.33 -1.30 -1.21
C PRO A 150 -24.32 -0.93 -0.15
N SER A 151 -23.14 -1.51 -0.27
CA SER A 151 -22.06 -1.21 0.62
C SER A 151 -21.70 0.27 0.46
N PHE A 152 -21.05 0.81 1.49
CA PHE A 152 -20.50 2.16 1.45
C PHE A 152 -19.16 2.25 2.19
N MET A 153 -18.43 3.32 1.88
CA MET A 153 -17.08 3.51 2.37
C MET A 153 -17.06 4.31 3.66
N VAL A 154 -16.48 3.73 4.69
CA VAL A 154 -16.16 4.49 5.89
C VAL A 154 -14.65 4.59 5.99
N ASP A 155 -14.15 4.88 7.18
CA ASP A 155 -12.73 4.79 7.43
C ASP A 155 -12.28 3.36 7.49
N ALA A 156 -11.04 3.15 7.11
CA ALA A 156 -10.37 1.89 7.29
C ALA A 156 -10.12 1.69 8.74
N PRO A 157 -10.07 0.38 9.18
CA PRO A 157 -9.84 0.21 10.60
C PRO A 157 -8.54 0.85 11.01
N ILE A 158 -8.46 1.34 12.22
CA ILE A 158 -7.27 2.01 12.66
C ILE A 158 -6.25 0.99 13.03
N ALA A 159 -6.68 -0.18 13.41
CA ALA A 159 -5.77 -1.29 13.61
C ALA A 159 -6.40 -2.62 13.19
N ILE A 160 -5.55 -3.54 12.77
CA ILE A 160 -6.00 -4.84 12.41
C ILE A 160 -5.15 -5.80 13.18
N ILE A 161 -5.79 -6.66 13.94
CA ILE A 161 -5.11 -7.57 14.79
C ILE A 161 -5.66 -8.96 14.45
N ALA A 162 -4.95 -9.65 13.57
CA ALA A 162 -5.33 -10.93 12.99
C ALA A 162 -4.50 -12.04 13.63
N ASP A 163 -5.09 -12.77 14.55
CA ASP A 163 -4.38 -13.82 15.24
C ASP A 163 -4.51 -15.09 14.47
N THR A 164 -3.43 -15.50 13.86
CA THR A 164 -3.45 -16.69 13.00
C THR A 164 -3.54 -18.04 13.68
N GLU A 165 -3.40 -18.05 14.99
CA GLU A 165 -3.63 -19.28 15.71
C GLU A 165 -5.12 -19.51 15.83
N ILE A 166 -5.87 -18.44 15.95
CA ILE A 166 -7.30 -18.52 16.09
C ILE A 166 -7.92 -18.78 14.74
N ILE A 167 -7.48 -18.00 13.78
CA ILE A 167 -7.99 -18.11 12.43
C ILE A 167 -7.75 -19.52 11.84
N LYS A 168 -6.59 -20.09 12.10
CA LYS A 168 -6.28 -21.46 11.72
C LYS A 168 -7.37 -22.47 12.14
N LYS A 169 -8.03 -22.20 13.27
CA LYS A 169 -9.06 -23.07 13.79
C LYS A 169 -10.44 -22.77 13.32
N SER A 170 -10.62 -21.82 12.41
CA SER A 170 -11.97 -21.49 11.98
C SER A 170 -12.49 -22.59 11.08
N PRO A 171 -13.78 -22.61 10.82
CA PRO A 171 -14.35 -23.69 10.03
C PRO A 171 -13.77 -23.72 8.65
N ARG A 172 -13.32 -24.86 8.19
CA ARG A 172 -12.74 -25.01 6.86
C ARG A 172 -13.52 -24.29 5.80
N ARG A 173 -14.83 -24.30 5.92
CA ARG A 173 -15.66 -23.76 4.90
C ARG A 173 -15.41 -22.29 4.73
N LEU A 174 -15.17 -21.62 5.82
CA LEU A 174 -15.01 -20.19 5.80
C LEU A 174 -13.68 -19.83 5.22
N LEU A 175 -12.67 -20.62 5.49
CA LEU A 175 -11.34 -20.37 4.94
C LEU A 175 -11.36 -20.59 3.43
N SER A 176 -11.93 -21.70 3.01
CA SER A 176 -12.11 -21.93 1.58
C SER A 176 -12.82 -20.78 0.86
N ALA A 177 -13.79 -20.17 1.53
CA ALA A 177 -14.56 -19.07 0.94
C ALA A 177 -13.75 -17.78 0.82
N GLY A 178 -12.73 -17.64 1.66
CA GLY A 178 -11.79 -16.56 1.54
C GLY A 178 -11.11 -16.60 0.17
N MET A 179 -10.79 -17.79 -0.31
CA MET A 179 -10.20 -17.91 -1.62
C MET A 179 -11.05 -17.20 -2.69
N GLY A 180 -12.35 -17.29 -2.59
CA GLY A 180 -13.24 -16.68 -3.57
C GLY A 180 -13.23 -15.19 -3.52
N ASP A 181 -13.03 -14.67 -2.33
CA ASP A 181 -12.90 -13.25 -2.19
C ASP A 181 -11.55 -12.73 -2.70
N ILE A 182 -10.48 -13.52 -2.60
CA ILE A 182 -9.20 -13.08 -3.15
C ILE A 182 -9.11 -13.20 -4.66
N VAL A 183 -9.48 -14.36 -5.20
CA VAL A 183 -9.36 -14.51 -6.66
C VAL A 183 -10.18 -13.45 -7.42
N SER A 184 -11.23 -12.94 -6.80
CA SER A 184 -12.06 -11.90 -7.44
C SER A 184 -11.37 -10.51 -7.69
N ASN A 185 -10.20 -10.30 -7.09
CA ASN A 185 -9.35 -9.16 -7.45
C ASN A 185 -8.87 -9.18 -8.90
N ILE A 186 -8.73 -10.37 -9.46
CA ILE A 186 -8.27 -10.50 -10.86
C ILE A 186 -9.24 -9.92 -11.83
N THR A 187 -10.50 -10.29 -11.69
CA THR A 187 -11.55 -9.76 -12.55
C THR A 187 -11.88 -8.33 -12.15
N ALA A 188 -11.81 -8.02 -10.87
CA ALA A 188 -12.06 -6.63 -10.44
C ALA A 188 -11.09 -5.69 -11.09
N VAL A 189 -9.86 -6.13 -11.14
CA VAL A 189 -8.84 -5.31 -11.72
C VAL A 189 -9.04 -5.23 -13.21
N LEU A 190 -9.48 -6.31 -13.82
CA LEU A 190 -9.69 -6.30 -15.26
C LEU A 190 -10.87 -5.41 -15.62
N ASP A 191 -11.91 -5.44 -14.81
CA ASP A 191 -13.06 -4.59 -15.02
C ASP A 191 -12.69 -3.11 -14.87
N TRP A 192 -11.84 -2.80 -13.90
CA TRP A 192 -11.37 -1.46 -13.63
C TRP A 192 -10.61 -0.89 -14.80
N LYS A 193 -9.63 -1.63 -15.28
CA LYS A 193 -8.91 -1.23 -16.45
C LYS A 193 -9.88 -0.95 -17.56
N LEU A 194 -10.79 -1.87 -17.77
CA LEU A 194 -11.74 -1.75 -18.84
C LEU A 194 -12.50 -0.47 -18.69
N ALA A 195 -13.01 -0.21 -17.52
CA ALA A 195 -13.80 0.98 -17.30
C ALA A 195 -12.97 2.22 -17.52
N TYR A 196 -11.69 2.11 -17.27
CA TYR A 196 -10.82 3.22 -17.48
C TYR A 196 -10.78 3.44 -18.97
N LYS A 197 -10.30 2.45 -19.68
CA LYS A 197 -10.16 2.44 -21.14
C LYS A 197 -11.41 2.91 -21.89
N GLU A 198 -12.52 2.29 -21.56
CA GLU A 198 -13.76 2.48 -22.29
C GLU A 198 -14.62 3.62 -21.77
N LYS A 199 -14.40 4.05 -20.54
CA LYS A 199 -15.29 5.04 -19.93
C LYS A 199 -14.52 6.12 -19.19
N GLY A 200 -13.19 6.14 -19.35
CA GLY A 200 -12.36 7.17 -18.75
C GLY A 200 -12.67 7.32 -17.28
N GLU A 201 -12.88 6.19 -16.59
CA GLU A 201 -13.01 6.17 -15.12
C GLU A 201 -11.63 6.35 -14.46
N LYS A 202 -11.63 6.93 -13.27
CA LYS A 202 -10.40 7.15 -12.52
C LYS A 202 -9.72 5.81 -12.13
N TYR A 203 -8.46 5.69 -12.48
CA TYR A 203 -7.73 4.45 -12.38
C TYR A 203 -6.33 4.66 -11.87
N SER A 204 -5.89 3.78 -10.99
CA SER A 204 -4.53 3.80 -10.50
C SER A 204 -3.82 2.50 -10.81
N GLU A 205 -2.87 2.54 -11.72
CA GLU A 205 -2.16 1.37 -12.16
C GLU A 205 -1.35 0.72 -11.07
N SER A 206 -0.82 1.51 -10.16
CA SER A 206 -0.08 0.97 -9.05
C SER A 206 -0.97 0.33 -7.96
N SER A 207 -2.17 0.84 -7.75
CA SER A 207 -3.16 0.17 -6.93
C SER A 207 -3.69 -1.12 -7.55
N ALA A 208 -4.07 -1.06 -8.80
CA ALA A 208 -4.52 -2.20 -9.59
C ALA A 208 -3.55 -3.36 -9.49
N ILE A 209 -2.30 -3.08 -9.82
CA ILE A 209 -1.27 -4.09 -9.87
C ILE A 209 -1.03 -4.67 -8.49
N PHE A 210 -1.13 -3.85 -7.46
CA PHE A 210 -0.94 -4.34 -6.13
C PHE A 210 -1.99 -5.37 -5.79
N SER A 211 -3.21 -5.04 -6.11
CA SER A 211 -4.30 -5.90 -5.82
C SER A 211 -4.24 -7.17 -6.62
N LYS A 212 -3.93 -7.04 -7.89
CA LYS A 212 -3.89 -8.16 -8.79
C LYS A 212 -2.76 -9.09 -8.40
N THR A 213 -1.61 -8.52 -8.05
CA THR A 213 -0.48 -9.30 -7.63
C THR A 213 -0.73 -10.06 -6.31
N ILE A 214 -1.43 -9.46 -5.35
CA ILE A 214 -1.80 -10.18 -4.12
C ILE A 214 -2.49 -11.52 -4.40
N ALA A 215 -3.49 -11.46 -5.25
CA ALA A 215 -4.27 -12.60 -5.66
C ALA A 215 -3.46 -13.57 -6.44
N LYS A 216 -2.56 -13.07 -7.29
CA LYS A 216 -1.72 -13.97 -8.09
C LYS A 216 -0.78 -14.78 -7.22
N GLU A 217 -0.23 -14.14 -6.21
CA GLU A 217 0.62 -14.83 -5.30
C GLU A 217 -0.17 -15.87 -4.54
N LEU A 218 -1.43 -15.60 -4.22
CA LEU A 218 -2.20 -16.54 -3.41
C LEU A 218 -2.61 -17.71 -4.26
N ILE A 219 -2.95 -17.44 -5.50
CA ILE A 219 -3.23 -18.50 -6.46
C ILE A 219 -2.04 -19.35 -6.72
N SER A 220 -0.91 -18.73 -6.87
CA SER A 220 0.33 -19.49 -7.08
C SER A 220 0.66 -20.35 -5.86
N TYR A 221 0.49 -19.80 -4.68
CA TYR A 221 0.75 -20.57 -3.50
C TYR A 221 -0.18 -21.80 -3.43
N VAL A 222 -1.46 -21.63 -3.67
CA VAL A 222 -2.31 -22.80 -3.51
C VAL A 222 -2.09 -23.83 -4.58
N LEU A 223 -1.53 -23.44 -5.72
CA LEU A 223 -1.29 -24.43 -6.77
C LEU A 223 0.00 -25.18 -6.62
N ASN A 224 0.91 -24.66 -5.79
CA ASN A 224 2.26 -25.18 -5.74
C ASN A 224 2.73 -25.66 -4.39
N SER A 225 1.95 -25.48 -3.35
CA SER A 225 2.40 -25.92 -2.05
C SER A 225 1.54 -27.00 -1.49
N ASP A 226 1.85 -27.38 -0.26
CA ASP A 226 1.06 -28.34 0.49
C ASP A 226 -0.05 -27.70 1.27
N LEU A 227 -0.16 -26.38 1.19
CA LEU A 227 -1.24 -25.63 1.83
C LEU A 227 -1.11 -25.55 3.32
N SER A 228 0.04 -25.90 3.84
CA SER A 228 0.22 -25.95 5.28
C SER A 228 0.19 -24.54 5.86
N GLU A 229 0.45 -23.57 5.02
CA GLU A 229 0.46 -22.16 5.44
C GLU A 229 -0.70 -21.34 4.80
N TYR A 230 -1.67 -22.03 4.22
CA TYR A 230 -2.78 -21.38 3.52
C TYR A 230 -3.46 -20.30 4.35
N HIS A 231 -3.80 -20.64 5.57
CA HIS A 231 -4.55 -19.71 6.40
C HIS A 231 -3.73 -18.43 6.62
N ASN A 232 -2.45 -18.60 6.79
CA ASN A 232 -1.55 -17.51 7.01
C ASN A 232 -1.50 -16.60 5.83
N LYS A 233 -1.36 -17.18 4.66
CA LYS A 233 -1.31 -16.44 3.41
C LYS A 233 -2.65 -15.87 2.98
N LEU A 234 -3.72 -16.56 3.29
CA LEU A 234 -5.02 -16.03 2.99
C LEU A 234 -5.26 -14.72 3.75
N VAL A 235 -4.94 -14.71 5.01
CA VAL A 235 -5.15 -13.53 5.83
C VAL A 235 -4.32 -12.35 5.35
N LYS A 236 -3.05 -12.58 5.06
CA LYS A 236 -2.21 -11.53 4.54
C LYS A 236 -2.81 -11.00 3.27
N ALA A 237 -3.38 -11.89 2.48
CA ALA A 237 -3.99 -11.49 1.25
C ALA A 237 -5.25 -10.68 1.44
N LEU A 238 -6.08 -11.06 2.38
CA LEU A 238 -7.30 -10.34 2.64
C LEU A 238 -7.01 -8.95 3.20
N VAL A 239 -5.95 -8.83 3.95
CA VAL A 239 -5.56 -7.57 4.54
C VAL A 239 -4.96 -6.66 3.50
N GLY A 240 -4.16 -7.21 2.60
CA GLY A 240 -3.46 -6.45 1.58
C GLY A 240 -4.52 -5.88 0.67
N SER A 241 -5.48 -6.72 0.42
CA SER A 241 -6.57 -6.37 -0.47
C SER A 241 -7.39 -5.21 0.16
N GLY A 242 -7.55 -5.25 1.47
CA GLY A 242 -8.13 -4.11 2.20
C GLY A 242 -7.39 -2.79 2.09
N ILE A 243 -6.08 -2.86 2.20
CA ILE A 243 -5.22 -1.69 2.00
C ILE A 243 -5.37 -1.16 0.61
N ALA A 244 -5.51 -2.03 -0.37
CA ALA A 244 -5.59 -1.54 -1.77
C ALA A 244 -6.85 -0.69 -1.96
N ILE A 245 -7.93 -1.15 -1.36
CA ILE A 245 -9.18 -0.39 -1.36
C ILE A 245 -8.99 1.00 -0.73
N ALA A 246 -8.30 1.06 0.40
CA ALA A 246 -8.14 2.31 1.14
C ALA A 246 -7.32 3.26 0.31
N ILE A 247 -6.32 2.68 -0.33
CA ILE A 247 -5.33 3.45 -1.06
C ILE A 247 -5.91 4.02 -2.36
N ALA A 248 -6.77 3.28 -3.02
CA ALA A 248 -7.45 3.78 -4.20
C ALA A 248 -8.71 4.57 -3.86
N ASN A 249 -9.11 4.57 -2.61
CA ASN A 249 -10.36 5.22 -2.27
C ASN A 249 -11.55 4.68 -3.01
N SER A 250 -11.54 3.37 -3.22
CA SER A 250 -12.52 2.70 -4.03
C SER A 250 -12.44 1.22 -3.85
N SER A 251 -13.54 0.52 -4.09
CA SER A 251 -13.53 -0.92 -3.98
C SER A 251 -13.07 -1.56 -5.29
N ARG A 252 -12.85 -0.74 -6.29
CA ARG A 252 -12.53 -1.20 -7.59
C ARG A 252 -11.48 -2.26 -7.63
N PRO A 253 -10.37 -2.09 -6.93
CA PRO A 253 -9.33 -3.11 -7.05
C PRO A 253 -9.69 -4.47 -6.50
N ALA A 254 -10.76 -4.51 -5.69
CA ALA A 254 -11.20 -5.72 -4.97
C ALA A 254 -12.56 -6.23 -5.41
N SER A 255 -13.30 -5.41 -6.13
CA SER A 255 -14.67 -5.75 -6.42
C SER A 255 -15.12 -5.33 -7.81
N GLY A 256 -15.59 -6.28 -8.61
CA GLY A 256 -16.05 -5.99 -9.95
C GLY A 256 -17.28 -6.79 -10.35
N SER A 257 -17.38 -7.17 -11.61
CA SER A 257 -18.56 -7.89 -12.08
C SER A 257 -18.84 -9.17 -11.31
N GLU A 258 -17.81 -9.79 -10.77
CA GLU A 258 -18.01 -11.01 -10.04
C GLU A 258 -18.73 -10.78 -8.74
N HIS A 259 -18.57 -9.59 -8.20
CA HIS A 259 -19.27 -9.18 -7.00
C HIS A 259 -20.64 -8.72 -7.40
N LEU A 260 -20.78 -8.11 -8.55
CA LEU A 260 -22.13 -7.81 -9.01
C LEU A 260 -22.96 -9.10 -9.11
N PHE A 261 -22.36 -10.13 -9.66
CA PHE A 261 -23.05 -11.41 -9.82
C PHE A 261 -23.46 -11.95 -8.45
N SER A 262 -22.59 -11.79 -7.48
CA SER A 262 -22.90 -12.23 -6.14
C SER A 262 -24.07 -11.47 -5.55
N HIS A 263 -24.03 -10.15 -5.64
CA HIS A 263 -25.14 -9.33 -5.10
C HIS A 263 -26.45 -9.72 -5.74
N ALA A 264 -26.41 -9.98 -7.04
CA ALA A 264 -27.62 -10.42 -7.76
C ALA A 264 -28.18 -11.73 -7.18
N LEU A 265 -27.30 -12.68 -6.90
CA LEU A 265 -27.71 -13.92 -6.27
C LEU A 265 -28.40 -13.67 -4.96
N ASP A 266 -27.84 -12.74 -4.20
CA ASP A 266 -28.35 -12.43 -2.91
C ASP A 266 -29.75 -11.88 -3.01
N LYS A 267 -29.95 -10.92 -3.90
CA LYS A 267 -31.30 -10.34 -4.16
C LYS A 267 -32.30 -11.45 -4.37
N LEU A 268 -31.92 -12.43 -5.21
CA LEU A 268 -32.82 -13.51 -5.60
C LEU A 268 -33.10 -14.49 -4.48
N LYS A 269 -32.09 -14.79 -3.66
CA LYS A 269 -32.33 -15.53 -2.42
C LYS A 269 -33.51 -14.90 -1.66
N GLU A 270 -33.39 -13.60 -1.39
CA GLU A 270 -34.44 -12.84 -0.69
C GLU A 270 -35.74 -12.80 -1.47
N GLU A 271 -35.65 -12.48 -2.76
CA GLU A 271 -36.83 -12.27 -3.61
C GLU A 271 -37.62 -13.56 -3.89
N TYR A 272 -36.93 -14.71 -3.87
CA TYR A 272 -37.59 -16.00 -4.04
C TYR A 272 -37.68 -16.77 -2.73
N ASN A 273 -37.28 -16.13 -1.64
CA ASN A 273 -37.30 -16.76 -0.32
C ASN A 273 -36.64 -18.13 -0.26
N LEU A 274 -35.48 -18.25 -0.91
CA LEU A 274 -34.71 -19.49 -0.90
C LEU A 274 -34.00 -19.60 0.44
N ASN A 275 -33.89 -20.82 0.94
CA ASN A 275 -33.22 -21.06 2.22
C ASN A 275 -31.78 -21.57 2.04
N ILE A 276 -31.04 -20.99 1.09
CA ILE A 276 -29.68 -21.47 0.77
C ILE A 276 -28.69 -20.74 1.65
N ASN A 277 -27.85 -21.50 2.35
CA ASN A 277 -26.78 -20.90 3.20
C ASN A 277 -25.45 -20.76 2.43
N SER A 278 -25.40 -19.88 1.43
CA SER A 278 -24.21 -19.79 0.58
C SER A 278 -23.46 -18.50 0.86
N LEU A 279 -22.15 -18.67 0.98
CA LEU A 279 -21.31 -17.63 1.47
C LEU A 279 -20.86 -16.70 0.36
N HIS A 280 -20.67 -15.44 0.72
CA HIS A 280 -20.26 -14.39 -0.20
C HIS A 280 -19.01 -14.71 -1.05
N GLY A 281 -17.98 -15.25 -0.41
CA GLY A 281 -16.75 -15.60 -1.09
C GLY A 281 -16.99 -16.76 -2.05
N GLU A 282 -17.87 -17.68 -1.65
CA GLU A 282 -18.15 -18.81 -2.47
C GLU A 282 -18.80 -18.31 -3.74
N GLN A 283 -19.72 -17.36 -3.59
CA GLN A 283 -20.44 -16.78 -4.74
C GLN A 283 -19.54 -15.97 -5.64
N CYS A 284 -18.70 -15.11 -5.05
CA CYS A 284 -17.73 -14.35 -5.82
C CYS A 284 -16.71 -15.23 -6.57
N GLY A 285 -16.26 -16.34 -5.96
CA GLY A 285 -15.31 -17.24 -6.65
C GLY A 285 -15.91 -17.79 -7.94
N ILE A 286 -17.18 -18.17 -7.86
CA ILE A 286 -17.88 -18.68 -9.00
C ILE A 286 -18.10 -17.56 -9.98
N GLY A 287 -18.47 -16.40 -9.50
CA GLY A 287 -18.56 -15.25 -10.40
C GLY A 287 -17.24 -15.00 -11.09
N THR A 288 -16.12 -15.31 -10.43
CA THR A 288 -14.80 -14.96 -10.99
C THR A 288 -14.43 -15.88 -12.15
N ILE A 289 -14.77 -17.14 -12.00
CA ILE A 289 -14.59 -18.14 -13.03
C ILE A 289 -15.27 -17.72 -14.31
N MET A 290 -16.53 -17.32 -14.18
CA MET A 290 -17.30 -16.88 -15.32
C MET A 290 -16.81 -15.53 -15.89
N MET A 291 -16.64 -14.52 -15.05
CA MET A 291 -16.24 -13.17 -15.54
C MET A 291 -14.87 -13.17 -16.17
N SER A 292 -14.01 -14.03 -15.68
CA SER A 292 -12.70 -14.18 -16.28
C SER A 292 -12.84 -14.73 -17.67
N TYR A 293 -13.70 -15.69 -17.86
CA TYR A 293 -13.94 -16.19 -19.18
C TYR A 293 -14.37 -15.10 -20.11
N LEU A 294 -15.27 -14.23 -19.68
CA LEU A 294 -15.66 -13.15 -20.56
C LEU A 294 -14.43 -12.33 -20.98
N HIS A 295 -13.56 -12.01 -20.03
CA HIS A 295 -12.36 -11.25 -20.37
C HIS A 295 -11.43 -12.04 -21.31
N GLU A 296 -11.32 -13.34 -21.08
CA GLU A 296 -10.49 -14.16 -21.92
C GLU A 296 -10.89 -14.13 -23.40
N LYS A 297 -12.18 -14.24 -23.66
CA LYS A 297 -12.72 -14.17 -25.01
C LYS A 297 -12.13 -12.96 -25.71
N GLU A 298 -12.22 -11.81 -25.07
CA GLU A 298 -11.77 -10.54 -25.65
C GLU A 298 -10.27 -10.34 -25.72
N ASN A 299 -9.52 -11.09 -24.94
CA ASN A 299 -8.11 -10.84 -24.78
C ASN A 299 -7.34 -12.12 -24.77
N LYS A 300 -6.97 -12.61 -25.93
CA LYS A 300 -6.34 -13.92 -26.03
C LYS A 300 -5.08 -14.00 -25.19
N LYS A 301 -4.67 -12.87 -24.67
CA LYS A 301 -3.45 -12.78 -23.90
C LYS A 301 -3.67 -13.49 -22.57
N LEU A 302 -4.93 -13.52 -22.13
CA LEU A 302 -5.32 -14.07 -20.86
C LEU A 302 -5.69 -15.51 -20.95
N SER A 303 -5.36 -16.14 -22.06
CA SER A 303 -5.76 -17.49 -22.30
C SER A 303 -5.45 -18.39 -21.12
N GLY A 304 -6.44 -19.20 -20.74
CA GLY A 304 -6.27 -20.16 -19.66
C GLY A 304 -6.65 -19.66 -18.27
N LEU A 305 -6.85 -18.35 -18.14
CA LEU A 305 -7.04 -17.72 -16.82
C LEU A 305 -8.19 -18.32 -15.99
N HIS A 306 -9.31 -18.60 -16.64
CA HIS A 306 -10.47 -19.05 -15.92
C HIS A 306 -10.26 -20.45 -15.38
N GLU A 307 -9.54 -21.28 -16.13
CA GLU A 307 -9.23 -22.59 -15.63
C GLU A 307 -8.25 -22.50 -14.49
N LYS A 308 -7.34 -21.54 -14.53
CA LYS A 308 -6.42 -21.40 -13.39
C LYS A 308 -7.19 -21.06 -12.08
N ILE A 309 -8.18 -20.19 -12.19
CA ILE A 309 -8.96 -19.75 -11.06
C ILE A 309 -9.80 -20.87 -10.58
N LYS A 310 -10.46 -21.55 -11.49
CA LYS A 310 -11.22 -22.74 -11.17
C LYS A 310 -10.38 -23.76 -10.44
N MET A 311 -9.22 -24.06 -10.97
CA MET A 311 -8.29 -24.98 -10.33
C MET A 311 -7.95 -24.59 -8.90
N SER A 312 -7.59 -23.33 -8.67
CA SER A 312 -7.20 -22.88 -7.32
C SER A 312 -8.35 -22.95 -6.32
N LEU A 313 -9.55 -22.64 -6.78
CA LEU A 313 -10.72 -22.85 -5.94
C LEU A 313 -10.94 -24.33 -5.62
N LYS A 314 -10.86 -25.20 -6.63
CA LYS A 314 -10.96 -26.65 -6.37
C LYS A 314 -9.93 -27.12 -5.34
N LYS A 315 -8.73 -26.59 -5.45
CA LYS A 315 -7.62 -27.05 -4.63
C LYS A 315 -7.83 -26.78 -3.14
N VAL A 316 -8.57 -25.71 -2.81
CA VAL A 316 -8.90 -25.50 -1.40
C VAL A 316 -10.36 -25.90 -1.11
N ASP A 317 -10.97 -26.76 -1.92
CA ASP A 317 -12.32 -27.28 -1.61
C ASP A 317 -13.43 -26.15 -1.55
N ALA A 318 -13.27 -25.15 -2.41
CA ALA A 318 -14.28 -24.12 -2.57
C ALA A 318 -15.17 -24.45 -3.73
N PRO A 319 -16.44 -24.14 -3.63
CA PRO A 319 -17.32 -24.52 -4.72
C PRO A 319 -16.95 -23.90 -6.09
N THR A 320 -17.15 -24.64 -7.18
CA THR A 320 -16.95 -24.11 -8.53
C THR A 320 -18.17 -24.31 -9.41
N THR A 321 -19.22 -24.89 -8.85
CA THR A 321 -20.44 -25.17 -9.60
C THR A 321 -21.67 -24.78 -8.83
N ALA A 322 -22.74 -24.56 -9.55
CA ALA A 322 -23.99 -24.14 -8.95
C ALA A 322 -24.52 -25.18 -8.01
N LYS A 323 -24.35 -26.44 -8.35
CA LYS A 323 -24.87 -27.50 -7.54
C LYS A 323 -24.15 -27.60 -6.21
N GLU A 324 -22.86 -27.32 -6.20
CA GLU A 324 -22.10 -27.34 -4.95
C GLU A 324 -22.50 -26.16 -4.10
N LEU A 325 -22.74 -25.06 -4.78
CA LEU A 325 -23.16 -23.82 -4.15
C LEU A 325 -24.52 -23.94 -3.51
N GLY A 326 -25.42 -24.70 -4.12
CA GLY A 326 -26.79 -24.93 -3.61
C GLY A 326 -27.93 -24.54 -4.56
N PHE A 327 -27.61 -23.90 -5.68
CA PHE A 327 -28.62 -23.28 -6.54
C PHE A 327 -29.10 -24.10 -7.73
N ASP A 328 -30.32 -23.77 -8.12
CA ASP A 328 -30.90 -24.15 -9.40
C ASP A 328 -30.12 -23.42 -10.53
N GLU A 329 -30.05 -23.99 -11.72
CA GLU A 329 -29.33 -23.32 -12.81
C GLU A 329 -30.00 -22.05 -13.30
N ASP A 330 -31.31 -21.95 -13.17
CA ASP A 330 -32.00 -20.73 -13.58
C ASP A 330 -31.68 -19.50 -12.74
N ILE A 331 -31.35 -19.71 -11.47
CA ILE A 331 -31.01 -18.59 -10.57
C ILE A 331 -29.68 -17.98 -11.01
N ILE A 332 -28.72 -18.84 -11.30
CA ILE A 332 -27.40 -18.45 -11.84
C ILE A 332 -27.59 -17.64 -13.11
N ILE A 333 -28.43 -18.15 -14.00
CA ILE A 333 -28.65 -17.51 -15.29
C ILE A 333 -29.32 -16.17 -15.09
N GLU A 334 -30.29 -16.12 -14.19
CA GLU A 334 -31.02 -14.88 -13.95
C GLU A 334 -30.11 -13.87 -13.31
N ALA A 335 -29.26 -14.35 -12.41
CA ALA A 335 -28.31 -13.49 -11.69
C ALA A 335 -27.26 -12.86 -12.61
N LEU A 336 -26.79 -13.63 -13.57
CA LEU A 336 -25.86 -13.12 -14.56
C LEU A 336 -26.55 -12.02 -15.36
N THR A 337 -27.75 -12.31 -15.82
CA THR A 337 -28.55 -11.40 -16.63
C THR A 337 -28.84 -10.04 -15.97
N MET A 338 -28.85 -10.01 -14.64
CA MET A 338 -29.24 -8.79 -13.90
C MET A 338 -28.11 -8.22 -13.05
N ALA A 339 -26.88 -8.69 -13.30
CA ALA A 339 -25.73 -8.32 -12.49
C ALA A 339 -25.31 -6.88 -12.76
N HIS A 340 -25.25 -6.51 -14.04
CA HIS A 340 -24.83 -5.18 -14.45
C HIS A 340 -25.70 -4.06 -13.82
N LYS A 341 -27.01 -4.29 -13.70
CA LYS A 341 -27.93 -3.30 -13.13
C LYS A 341 -27.73 -3.05 -11.64
N ILE A 342 -27.09 -3.99 -10.95
CA ILE A 342 -26.93 -3.94 -9.50
C ILE A 342 -26.28 -2.65 -8.97
N ARG A 343 -25.24 -2.17 -9.65
CA ARG A 343 -24.70 -0.83 -9.33
C ARG A 343 -24.16 -0.15 -10.61
N ASN A 344 -24.01 1.17 -10.52
CA ASN A 344 -23.48 1.98 -11.63
C ASN A 344 -21.95 1.83 -11.71
N ARG A 345 -21.51 0.71 -12.28
CA ARG A 345 -20.09 0.34 -12.28
C ARG A 345 -19.78 -0.47 -13.53
N TRP A 346 -19.13 0.16 -14.49
CA TRP A 346 -18.85 -0.47 -15.77
C TRP A 346 -17.94 -1.69 -15.61
N THR A 347 -18.29 -2.79 -16.28
CA THR A 347 -17.48 -4.00 -16.25
C THR A 347 -17.61 -4.71 -17.56
N ILE A 348 -16.90 -5.83 -17.71
CA ILE A 348 -16.98 -6.68 -18.88
C ILE A 348 -18.44 -6.99 -19.28
N LEU A 349 -19.35 -6.94 -18.34
CA LEU A 349 -20.74 -7.17 -18.62
C LEU A 349 -21.29 -6.08 -19.49
N ARG A 350 -20.60 -4.96 -19.52
CA ARG A 350 -21.07 -3.81 -20.26
C ARG A 350 -22.57 -3.53 -20.08
N ASP A 351 -23.31 -3.48 -21.17
CA ASP A 351 -24.70 -3.07 -21.17
C ASP A 351 -25.61 -4.15 -20.70
N GLY A 352 -25.06 -5.33 -20.61
CA GLY A 352 -25.83 -6.43 -20.17
C GLY A 352 -25.67 -7.66 -21.00
N LEU A 353 -25.92 -8.69 -20.28
CA LEU A 353 -26.03 -10.09 -20.71
C LEU A 353 -27.42 -10.60 -21.03
N SER A 354 -27.54 -11.27 -22.16
CA SER A 354 -28.79 -11.89 -22.55
C SER A 354 -28.89 -13.24 -21.90
N ARG A 355 -30.12 -13.72 -21.77
CA ARG A 355 -30.38 -15.03 -21.13
C ARG A 355 -29.63 -16.15 -21.83
N GLU A 356 -29.59 -16.14 -23.16
CA GLU A 356 -28.86 -17.16 -23.90
C GLU A 356 -27.38 -17.00 -23.64
N GLU A 357 -26.91 -15.77 -23.71
CA GLU A 357 -25.50 -15.47 -23.48
C GLU A 357 -25.06 -15.93 -22.09
N ALA A 358 -25.90 -15.61 -21.11
CA ALA A 358 -25.71 -16.05 -19.72
C ALA A 358 -25.58 -17.57 -19.56
N ARG A 359 -26.60 -18.30 -20.00
CA ARG A 359 -26.60 -19.77 -20.03
C ARG A 359 -25.33 -20.32 -20.66
N LYS A 360 -25.07 -19.85 -21.85
CA LYS A 360 -23.88 -20.21 -22.64
C LYS A 360 -22.58 -20.05 -21.83
N LEU A 361 -22.42 -18.89 -21.22
CA LEU A 361 -21.29 -18.63 -20.33
C LEU A 361 -21.24 -19.61 -19.18
N ALA A 362 -22.37 -19.78 -18.50
CA ALA A 362 -22.46 -20.66 -17.33
C ALA A 362 -22.15 -22.11 -17.69
N GLU A 363 -22.50 -22.51 -18.89
CA GLU A 363 -22.22 -23.87 -19.30
C GLU A 363 -20.83 -24.03 -19.96
N GLU A 364 -20.40 -23.04 -20.74
CA GLU A 364 -19.04 -23.05 -21.27
C GLU A 364 -18.00 -23.14 -20.13
N THR A 365 -18.37 -22.64 -18.95
CA THR A 365 -17.43 -22.51 -17.86
C THR A 365 -17.64 -23.56 -16.79
N GLY A 366 -18.52 -24.52 -17.05
CA GLY A 366 -18.71 -25.64 -16.12
C GLY A 366 -19.53 -25.33 -14.89
N VAL A 367 -20.08 -24.13 -14.81
CA VAL A 367 -20.79 -23.75 -13.59
C VAL A 367 -22.17 -24.40 -13.55
N ILE A 368 -22.74 -24.65 -14.73
CA ILE A 368 -23.90 -25.52 -14.87
C ILE A 368 -23.67 -26.49 -16.03
N MET B 34 3.95 -10.39 10.71
CA MET B 34 3.86 -9.02 10.19
C MET B 34 3.47 -8.07 11.28
N ILE B 35 4.29 -7.04 11.53
CA ILE B 35 3.87 -5.91 12.38
C ILE B 35 4.13 -4.57 11.69
N ILE B 36 3.12 -4.04 11.04
CA ILE B 36 3.27 -2.98 10.08
C ILE B 36 2.70 -1.66 10.54
N VAL B 37 3.48 -0.61 10.41
CA VAL B 37 3.05 0.72 10.76
C VAL B 37 2.99 1.59 9.51
N THR B 38 1.82 2.11 9.22
CA THR B 38 1.59 2.99 8.11
C THR B 38 0.93 4.25 8.64
N PRO B 39 0.79 5.23 7.78
CA PRO B 39 0.11 6.45 8.11
C PRO B 39 -1.32 6.15 8.34
N ARG B 40 -1.98 7.05 9.07
CA ARG B 40 -3.36 6.92 9.31
C ARG B 40 -4.03 7.81 8.31
N TYR B 41 -3.56 9.03 8.19
CA TYR B 41 -4.15 9.99 7.28
C TYR B 41 -3.16 10.54 6.31
N THR B 42 -3.48 10.42 5.02
CA THR B 42 -2.66 11.03 3.99
C THR B 42 -3.47 12.06 3.18
N ILE B 43 -2.96 13.28 3.08
CA ILE B 43 -3.62 14.36 2.29
C ILE B 43 -2.67 14.97 1.28
N ILE B 44 -3.10 15.04 0.01
CA ILE B 44 -2.30 15.57 -1.05
C ILE B 44 -3.16 16.47 -1.92
N GLU B 45 -3.15 17.77 -1.63
CA GLU B 45 -4.05 18.72 -2.30
C GLU B 45 -3.71 20.17 -2.06
N ASP B 46 -4.18 21.05 -2.93
CA ASP B 46 -3.96 22.50 -2.76
C ASP B 46 -4.71 22.91 -1.51
N GLY B 47 -4.05 23.69 -0.67
CA GLY B 47 -4.64 24.17 0.57
C GLY B 47 -4.44 23.25 1.75
N ALA B 48 -3.81 22.10 1.52
CA ALA B 48 -3.70 21.07 2.58
C ALA B 48 -3.22 21.61 3.93
N ILE B 49 -2.37 22.65 3.95
CA ILE B 49 -1.75 23.10 5.20
C ILE B 49 -2.74 23.61 6.23
N ASN B 50 -3.89 24.08 5.75
CA ASN B 50 -5.00 24.51 6.61
C ASN B 50 -5.75 23.40 7.35
N LYS B 51 -5.39 22.16 7.10
CA LYS B 51 -6.08 21.04 7.66
C LYS B 51 -5.29 20.34 8.74
N ILE B 52 -4.20 20.94 9.17
CA ILE B 52 -3.46 20.36 10.26
C ILE B 52 -4.30 20.25 11.52
N GLU B 53 -5.09 21.27 11.77
CA GLU B 53 -5.96 21.35 12.93
C GLU B 53 -6.90 20.19 12.90
N GLU B 54 -7.65 20.14 11.83
CA GLU B 54 -8.61 19.10 11.57
C GLU B 54 -8.07 17.71 11.82
N ILE B 55 -6.83 17.48 11.40
CA ILE B 55 -6.20 16.15 11.50
C ILE B 55 -5.82 15.87 12.94
N LEU B 56 -5.29 16.86 13.61
CA LEU B 56 -4.94 16.69 15.02
C LEU B 56 -6.13 16.34 15.86
N LYS B 57 -7.25 16.95 15.52
CA LYS B 57 -8.50 16.69 16.18
C LYS B 57 -8.93 15.24 15.95
N LYS B 58 -8.92 14.81 14.70
CA LYS B 58 -9.18 13.40 14.34
C LYS B 58 -8.30 12.39 15.06
N LEU B 59 -7.06 12.75 15.33
CA LEU B 59 -6.12 11.81 15.94
C LEU B 59 -6.11 12.00 17.43
N ASN B 60 -7.01 12.85 17.93
CA ASN B 60 -6.98 13.25 19.34
C ASN B 60 -5.59 13.59 19.88
N LEU B 61 -4.89 14.46 19.14
CA LEU B 61 -3.61 15.04 19.54
C LEU B 61 -3.82 16.52 19.87
N LYS B 62 -3.34 16.93 21.04
CA LYS B 62 -3.69 18.22 21.66
C LYS B 62 -2.59 19.25 21.72
N ASN B 63 -1.37 18.79 21.91
CA ASN B 63 -0.23 19.70 22.03
C ASN B 63 1.01 19.23 21.27
N PRO B 64 1.13 19.70 20.02
CA PRO B 64 2.22 19.33 19.16
C PRO B 64 3.43 20.19 19.34
N LEU B 65 4.61 19.59 19.32
CA LEU B 65 5.84 20.33 19.14
C LEU B 65 6.13 20.45 17.63
N VAL B 66 6.32 21.67 17.13
CA VAL B 66 6.61 21.93 15.74
C VAL B 66 8.10 22.05 15.53
N ILE B 67 8.64 21.26 14.60
CA ILE B 67 10.03 21.34 14.13
C ILE B 67 10.00 21.91 12.71
N THR B 68 10.73 22.97 12.49
CA THR B 68 10.65 23.63 11.22
C THR B 68 11.93 24.35 10.97
N GLY B 69 11.92 25.20 9.97
CA GLY B 69 13.08 25.94 9.58
C GLY B 69 12.83 27.43 9.46
N LYS B 70 13.90 28.13 9.15
CA LYS B 70 13.92 29.58 9.17
C LYS B 70 12.91 30.23 8.26
N ASN B 71 12.85 29.81 7.00
CA ASN B 71 11.94 30.47 6.06
C ASN B 71 10.63 29.73 5.84
N THR B 72 10.20 28.97 6.83
CA THR B 72 8.88 28.35 6.79
C THR B 72 8.02 28.81 7.95
N LYS B 73 8.46 29.80 8.69
CA LYS B 73 7.70 30.27 9.87
C LYS B 73 6.30 30.83 9.50
N LYS B 74 6.10 31.15 8.23
CA LYS B 74 4.84 31.72 7.76
C LYS B 74 3.74 30.66 7.68
N TYR B 75 4.14 29.40 7.49
CA TYR B 75 3.21 28.30 7.43
C TYR B 75 2.89 27.72 8.83
N CYS B 76 3.65 28.17 9.83
CA CYS B 76 3.49 27.74 11.23
C CYS B 76 2.57 28.56 12.13
N ARG B 77 1.77 29.45 11.58
CA ARG B 77 1.10 30.48 12.37
C ARG B 77 -0.20 30.04 13.02
N PHE B 78 -0.36 28.73 13.22
CA PHE B 78 -1.45 28.19 14.05
C PHE B 78 -0.94 27.73 15.42
N PHE B 79 0.37 27.50 15.51
CA PHE B 79 1.02 26.89 16.69
C PHE B 79 1.90 27.89 17.43
N TYR B 80 2.40 27.45 18.59
CA TYR B 80 3.05 28.26 19.61
C TYR B 80 4.42 27.77 20.06
N ASP B 81 4.51 26.46 20.23
CA ASP B 81 5.77 25.73 20.45
C ASP B 81 6.38 25.38 19.10
N ILE B 82 7.34 26.19 18.67
CA ILE B 82 8.09 26.01 17.46
C ILE B 82 9.56 25.96 17.82
N VAL B 83 10.25 24.97 17.29
CA VAL B 83 11.66 24.78 17.50
C VAL B 83 12.30 24.60 16.12
N TYR B 84 13.48 25.17 15.93
CA TYR B 84 14.20 25.02 14.68
C TYR B 84 15.04 23.76 14.66
N TYR B 85 15.13 23.10 13.52
CA TYR B 85 15.81 21.81 13.48
C TYR B 85 17.27 21.80 13.95
N ASP B 86 17.96 22.92 13.83
CA ASP B 86 19.37 22.99 14.26
C ASP B 86 19.54 22.81 15.77
N GLU B 87 18.65 23.40 16.55
CA GLU B 87 18.65 23.18 18.01
C GLU B 87 18.76 21.69 18.33
N ILE B 88 17.99 20.91 17.60
CA ILE B 88 17.96 19.46 17.79
C ILE B 88 19.24 18.80 17.30
N LEU B 89 19.68 19.16 16.11
CA LEU B 89 20.85 18.55 15.48
C LEU B 89 22.18 18.82 16.19
N ASN B 90 22.22 19.86 17.02
CA ASN B 90 23.43 20.21 17.76
C ASN B 90 23.51 19.45 19.07
N ASN B 91 22.39 18.85 19.47
CA ASN B 91 22.41 17.89 20.55
C ASN B 91 21.36 16.80 20.36
N LEU B 92 21.77 15.70 19.75
CA LEU B 92 20.86 14.63 19.40
C LEU B 92 20.44 13.77 20.57
N GLU B 93 20.53 14.31 21.77
CA GLU B 93 20.11 13.57 22.95
C GLU B 93 19.07 14.32 23.76
N LEU B 96 15.72 15.22 27.04
CA LEU B 96 15.06 13.91 26.90
C LEU B 96 13.84 13.80 27.80
N LYS B 97 13.79 14.71 28.76
CA LYS B 97 12.69 14.79 29.69
C LYS B 97 12.28 16.25 29.83
N LYS B 98 12.52 17.01 28.78
CA LYS B 98 12.04 18.37 28.69
C LYS B 98 10.93 18.51 27.65
N TYR B 99 10.63 17.40 26.99
CA TYR B 99 9.64 17.36 25.92
C TYR B 99 8.42 16.58 26.35
N THR B 100 8.34 16.26 27.63
CA THR B 100 7.30 15.35 28.14
C THR B 100 5.88 15.82 27.93
N ALA B 101 5.67 17.13 27.91
CA ALA B 101 4.33 17.67 27.75
C ALA B 101 3.74 17.51 26.34
N TYR B 102 4.56 17.20 25.33
CA TYR B 102 4.08 17.11 23.94
C TYR B 102 3.57 15.73 23.61
N ASP B 103 2.51 15.68 22.82
CA ASP B 103 1.85 14.43 22.48
C ASP B 103 2.08 14.03 21.02
N CYS B 104 2.74 14.89 20.26
CA CYS B 104 3.12 14.60 18.92
C CYS B 104 4.13 15.61 18.45
N VAL B 105 4.71 15.37 17.30
CA VAL B 105 5.60 16.29 16.66
C VAL B 105 5.10 16.56 15.26
N ILE B 106 5.21 17.79 14.82
CA ILE B 106 4.83 18.15 13.48
C ILE B 106 6.02 18.75 12.82
N GLY B 107 6.50 18.12 11.76
CA GLY B 107 7.61 18.62 10.99
C GLY B 107 7.11 19.37 9.80
N ILE B 108 7.50 20.62 9.68
CA ILE B 108 7.04 21.47 8.60
C ILE B 108 8.19 22.07 7.85
N GLY B 109 8.27 21.82 6.57
CA GLY B 109 9.24 22.42 5.73
C GLY B 109 9.89 21.43 4.80
N GLY B 110 11.18 21.62 4.66
CA GLY B 110 12.04 20.81 3.85
C GLY B 110 12.45 19.56 4.55
N GLY B 111 13.38 18.86 3.91
CA GLY B 111 13.80 17.54 4.34
C GLY B 111 14.48 17.54 5.66
N ARG B 112 15.30 18.54 5.95
CA ARG B 112 15.96 18.58 7.26
C ARG B 112 14.90 18.66 8.37
N SER B 113 13.89 19.47 8.11
CA SER B 113 12.82 19.64 9.04
C SER B 113 12.06 18.33 9.27
N ILE B 114 11.73 17.63 8.19
CA ILE B 114 10.95 16.42 8.31
C ILE B 114 11.72 15.29 8.92
N ASP B 115 12.96 15.13 8.48
CA ASP B 115 13.84 14.12 9.09
C ASP B 115 14.15 14.38 10.56
N THR B 116 14.33 15.65 10.93
CA THR B 116 14.67 15.92 12.31
C THR B 116 13.45 15.68 13.18
N GLY B 117 12.30 16.09 12.69
CA GLY B 117 11.04 15.91 13.43
C GLY B 117 10.73 14.43 13.62
N LYS B 118 10.95 13.66 12.57
CA LYS B 118 10.72 12.23 12.61
C LYS B 118 11.62 11.60 13.65
N TYR B 119 12.87 12.02 13.66
CA TYR B 119 13.84 11.50 14.63
C TYR B 119 13.41 11.78 16.08
N LEU B 120 12.99 13.00 16.33
CA LEU B 120 12.64 13.42 17.67
C LEU B 120 11.36 12.73 18.15
N ALA B 121 10.41 12.53 17.24
CA ALA B 121 9.16 11.80 17.59
C ALA B 121 9.53 10.38 18.05
N TYR B 122 10.35 9.72 17.27
CA TYR B 122 10.87 8.39 17.58
C TYR B 122 11.53 8.35 18.95
N LYS B 123 12.36 9.34 19.22
CA LYS B 123 13.05 9.41 20.48
C LYS B 123 12.09 9.62 21.68
N LEU B 124 11.05 10.44 21.49
CA LEU B 124 10.05 10.70 22.52
C LEU B 124 8.95 9.65 22.54
N GLY B 125 8.91 8.78 21.54
CA GLY B 125 7.91 7.74 21.47
C GLY B 125 6.55 8.35 21.26
N ILE B 126 6.47 9.35 20.40
CA ILE B 126 5.18 9.96 20.06
C ILE B 126 5.02 10.06 18.56
N PRO B 127 3.78 10.24 18.09
CA PRO B 127 3.54 10.25 16.65
C PRO B 127 4.11 11.47 15.97
N PHE B 128 4.42 11.30 14.67
CA PHE B 128 5.02 12.35 13.86
C PHE B 128 4.09 12.67 12.73
N ILE B 129 3.94 13.96 12.45
CA ILE B 129 3.07 14.41 11.38
C ILE B 129 3.94 15.13 10.41
N SER B 130 3.92 14.64 9.17
CA SER B 130 4.75 15.19 8.12
C SER B 130 4.00 16.22 7.31
N VAL B 131 4.54 17.44 7.28
CA VAL B 131 3.95 18.54 6.52
C VAL B 131 5.01 19.11 5.54
N PRO B 132 5.25 18.40 4.44
CA PRO B 132 6.33 18.84 3.58
C PRO B 132 5.93 20.06 2.75
N THR B 133 6.88 20.97 2.59
CA THR B 133 6.76 22.14 1.72
C THR B 133 7.59 21.98 0.47
N THR B 134 8.48 20.99 0.47
CA THR B 134 9.23 20.59 -0.68
C THR B 134 8.96 19.16 -0.95
N ALA B 135 9.40 18.69 -2.11
CA ALA B 135 9.26 17.30 -2.46
C ALA B 135 10.48 16.81 -3.21
N SER B 136 11.59 16.69 -2.51
CA SER B 136 12.82 16.29 -3.14
C SER B 136 13.20 14.85 -2.90
N ASN B 137 12.52 14.17 -1.98
CA ASN B 137 12.87 12.77 -1.70
C ASN B 137 11.73 12.12 -0.96
N ASP B 138 11.83 10.82 -0.73
CA ASP B 138 10.75 10.07 -0.11
C ASP B 138 10.70 10.07 1.42
N GLY B 139 11.60 10.78 2.07
CA GLY B 139 11.50 11.01 3.53
C GLY B 139 10.20 11.66 4.00
N ILE B 140 9.49 12.30 3.07
CA ILE B 140 8.14 12.83 3.32
C ILE B 140 7.21 11.87 4.01
N ALA B 141 7.19 10.62 3.55
CA ALA B 141 6.24 9.62 4.05
C ALA B 141 6.89 8.36 4.53
N SER B 142 8.19 8.25 4.41
CA SER B 142 8.81 6.99 4.70
C SER B 142 9.10 6.83 6.15
N PRO B 143 9.19 5.54 6.60
CA PRO B 143 9.64 5.42 7.97
C PRO B 143 11.14 5.46 8.15
N ILE B 144 11.87 6.07 7.25
CA ILE B 144 13.31 6.08 7.35
C ILE B 144 13.81 7.39 7.94
N VAL B 145 14.81 7.30 8.80
CA VAL B 145 15.45 8.47 9.36
C VAL B 145 16.83 8.50 8.80
N SER B 146 17.25 9.65 8.29
CA SER B 146 18.57 9.78 7.69
C SER B 146 19.34 10.93 8.33
N ILE B 147 19.35 10.93 9.65
CA ILE B 147 20.02 11.97 10.42
C ILE B 147 21.46 11.59 10.66
N ARG B 148 21.66 10.37 11.15
CA ARG B 148 22.99 9.83 11.36
C ARG B 148 23.13 8.69 10.37
N GLN B 149 23.54 8.98 9.15
CA GLN B 149 23.78 7.91 8.17
C GLN B 149 24.75 6.90 8.80
N PRO B 150 24.45 5.61 8.76
CA PRO B 150 23.37 5.07 7.93
C PRO B 150 21.97 5.37 8.46
N SER B 151 21.00 5.24 7.56
CA SER B 151 19.62 5.43 7.89
C SER B 151 19.15 4.25 8.70
N PHE B 152 18.05 4.44 9.42
CA PHE B 152 17.43 3.33 10.11
C PHE B 152 15.92 3.50 10.10
N MET B 153 15.22 2.47 10.54
CA MET B 153 13.79 2.44 10.43
C MET B 153 13.06 2.81 11.68
N VAL B 154 12.17 3.79 11.58
CA VAL B 154 11.28 4.09 12.67
C VAL B 154 9.84 3.85 12.22
N ASP B 155 8.91 4.54 12.83
CA ASP B 155 7.54 4.41 12.48
C ASP B 155 7.30 5.34 11.35
N ALA B 156 6.40 4.96 10.47
CA ALA B 156 5.96 5.83 9.41
C ALA B 156 5.20 6.98 10.04
N PRO B 157 5.25 8.15 9.43
CA PRO B 157 4.41 9.21 9.97
C PRO B 157 2.94 8.82 10.11
N ILE B 158 2.27 9.32 11.13
CA ILE B 158 0.92 9.00 11.39
C ILE B 158 0.04 9.81 10.47
N ALA B 159 0.51 10.94 10.00
CA ALA B 159 -0.20 11.66 8.99
C ALA B 159 0.76 12.37 8.06
N ILE B 160 0.34 12.54 6.84
CA ILE B 160 1.12 13.22 5.84
C ILE B 160 0.21 14.23 5.21
N ILE B 161 0.64 15.48 5.27
CA ILE B 161 -0.17 16.59 4.85
C ILE B 161 0.69 17.38 3.87
N ALA B 162 0.46 17.12 2.59
CA ALA B 162 1.24 17.62 1.49
C ALA B 162 0.43 18.65 0.74
N ASP B 163 0.71 19.95 0.98
CA ASP B 163 -0.01 21.03 0.33
C ASP B 163 0.62 21.29 -1.02
N THR B 164 -0.06 20.88 -2.08
CA THR B 164 0.52 20.98 -3.40
C THR B 164 0.57 22.39 -3.98
N GLU B 165 -0.13 23.35 -3.35
CA GLU B 165 0.01 24.76 -3.72
C GLU B 165 1.37 25.25 -3.29
N ILE B 166 1.81 24.82 -2.12
CA ILE B 166 3.08 25.22 -1.58
C ILE B 166 4.19 24.51 -2.30
N ILE B 167 4.04 23.19 -2.44
CA ILE B 167 5.07 22.35 -3.08
C ILE B 167 5.31 22.77 -4.54
N LYS B 168 4.25 23.13 -5.23
CA LYS B 168 4.38 23.63 -6.58
C LYS B 168 5.30 24.85 -6.74
N LYS B 169 5.43 25.64 -5.70
CA LYS B 169 6.31 26.80 -5.70
C LYS B 169 7.68 26.52 -5.09
N SER B 170 8.03 25.27 -4.83
CA SER B 170 9.37 24.96 -4.31
C SER B 170 10.36 25.10 -5.44
N PRO B 171 11.66 25.19 -5.10
CA PRO B 171 12.65 25.35 -6.16
C PRO B 171 12.59 24.20 -7.16
N ARG B 172 12.55 24.54 -8.45
CA ARG B 172 12.45 23.56 -9.52
C ARG B 172 13.49 22.47 -9.35
N ARG B 173 14.64 22.82 -8.79
CA ARG B 173 15.74 21.88 -8.74
C ARG B 173 15.44 20.75 -7.80
N LEU B 174 14.76 21.09 -6.69
CA LEU B 174 14.31 20.08 -5.72
C LEU B 174 13.21 19.17 -6.27
N LEU B 175 12.29 19.72 -7.03
CA LEU B 175 11.30 18.91 -7.69
C LEU B 175 11.96 17.98 -8.69
N SER B 176 12.83 18.50 -9.55
CA SER B 176 13.54 17.65 -10.50
C SER B 176 14.27 16.50 -9.83
N ALA B 177 14.83 16.77 -8.65
CA ALA B 177 15.59 15.76 -7.91
C ALA B 177 14.66 14.64 -7.36
N GLY B 178 13.39 14.97 -7.19
CA GLY B 178 12.42 14.02 -6.71
C GLY B 178 12.34 12.91 -7.72
N MET B 179 12.45 13.27 -8.99
CA MET B 179 12.45 12.25 -10.03
C MET B 179 13.55 11.20 -9.80
N GLY B 180 14.73 11.62 -9.38
CA GLY B 180 15.86 10.69 -9.17
C GLY B 180 15.57 9.74 -8.04
N ASP B 181 14.84 10.21 -7.07
CA ASP B 181 14.45 9.39 -5.95
C ASP B 181 13.41 8.37 -6.35
N ILE B 182 12.47 8.72 -7.20
CA ILE B 182 11.47 7.79 -7.67
C ILE B 182 12.03 6.76 -8.64
N VAL B 183 12.72 7.20 -9.71
CA VAL B 183 13.23 6.21 -10.66
C VAL B 183 14.11 5.15 -10.01
N SER B 184 14.73 5.45 -8.88
CA SER B 184 15.60 4.49 -8.22
C SER B 184 14.88 3.29 -7.58
N ASN B 185 13.57 3.33 -7.53
CA ASN B 185 12.80 2.20 -7.12
C ASN B 185 13.01 1.04 -8.08
N ILE B 186 13.30 1.37 -9.33
CA ILE B 186 13.45 0.36 -10.34
C ILE B 186 14.62 -0.56 -10.09
N THR B 187 15.78 0.02 -9.86
CA THR B 187 17.00 -0.72 -9.57
C THR B 187 16.93 -1.25 -8.17
N ALA B 188 16.28 -0.53 -7.28
CA ALA B 188 16.13 -1.09 -5.93
C ALA B 188 15.35 -2.40 -5.96
N VAL B 189 14.28 -2.42 -6.73
CA VAL B 189 13.50 -3.64 -6.87
C VAL B 189 14.27 -4.74 -7.61
N LEU B 190 15.03 -4.37 -8.63
CA LEU B 190 15.84 -5.37 -9.29
C LEU B 190 16.89 -5.94 -8.35
N ASP B 191 17.52 -5.10 -7.55
CA ASP B 191 18.51 -5.58 -6.61
C ASP B 191 17.87 -6.43 -5.55
N TRP B 192 16.63 -6.16 -5.21
CA TRP B 192 15.96 -6.89 -4.15
C TRP B 192 15.60 -8.29 -4.58
N LYS B 193 15.08 -8.44 -5.79
CA LYS B 193 14.91 -9.74 -6.47
C LYS B 193 16.22 -10.54 -6.61
N LEU B 194 17.28 -9.84 -6.96
CA LEU B 194 18.57 -10.48 -7.10
C LEU B 194 18.99 -11.05 -5.78
N ALA B 195 18.82 -10.26 -4.71
CA ALA B 195 19.21 -10.70 -3.38
C ALA B 195 18.38 -11.89 -2.92
N TYR B 196 17.08 -11.86 -3.22
CA TYR B 196 16.21 -13.00 -3.01
C TYR B 196 16.73 -14.24 -3.72
N LYS B 197 17.00 -14.12 -4.99
CA LYS B 197 17.41 -15.24 -5.82
C LYS B 197 18.74 -15.80 -5.40
N GLU B 198 19.69 -14.92 -5.19
CA GLU B 198 21.09 -15.29 -5.00
C GLU B 198 21.48 -15.46 -3.55
N LYS B 199 20.69 -14.94 -2.64
CA LYS B 199 21.09 -14.94 -1.25
C LYS B 199 19.97 -15.26 -0.32
N GLY B 200 18.83 -15.65 -0.87
CA GLY B 200 17.65 -16.03 -0.09
C GLY B 200 17.15 -14.97 0.87
N GLU B 201 17.37 -13.71 0.55
CA GLU B 201 16.88 -12.62 1.36
C GLU B 201 15.36 -12.54 1.33
N LYS B 202 14.76 -12.02 2.39
CA LYS B 202 13.32 -11.87 2.48
C LYS B 202 12.83 -10.94 1.38
N TYR B 203 11.82 -11.40 0.65
CA TYR B 203 11.33 -10.68 -0.48
C TYR B 203 9.83 -10.76 -0.54
N SER B 204 9.18 -9.65 -0.80
CA SER B 204 7.74 -9.58 -1.04
C SER B 204 7.46 -9.13 -2.46
N GLU B 205 7.04 -10.05 -3.34
CA GLU B 205 6.66 -9.73 -4.71
C GLU B 205 5.64 -8.61 -4.83
N SER B 206 4.63 -8.63 -3.99
CA SER B 206 3.62 -7.61 -4.10
C SER B 206 4.09 -6.18 -3.67
N SER B 207 5.00 -6.07 -2.68
CA SER B 207 5.63 -4.78 -2.38
C SER B 207 6.58 -4.34 -3.49
N ALA B 208 7.40 -5.27 -3.98
CA ALA B 208 8.31 -5.01 -5.07
C ALA B 208 7.60 -4.38 -6.24
N ILE B 209 6.57 -5.08 -6.71
CA ILE B 209 5.82 -4.67 -7.89
C ILE B 209 5.13 -3.34 -7.67
N PHE B 210 4.61 -3.12 -6.46
CA PHE B 210 4.00 -1.83 -6.14
C PHE B 210 5.00 -0.66 -6.31
N SER B 211 6.18 -0.87 -5.77
CA SER B 211 7.20 0.14 -5.75
C SER B 211 7.72 0.40 -7.17
N LYS B 212 7.94 -0.66 -7.90
CA LYS B 212 8.40 -0.59 -9.25
C LYS B 212 7.35 0.09 -10.14
N THR B 213 6.10 -0.26 -9.96
CA THR B 213 5.02 0.32 -10.72
C THR B 213 4.82 1.81 -10.43
N ILE B 214 4.98 2.24 -9.19
CA ILE B 214 4.86 3.67 -8.86
C ILE B 214 5.81 4.53 -9.73
N ALA B 215 7.02 4.07 -9.80
CA ALA B 215 8.02 4.70 -10.60
C ALA B 215 7.70 4.58 -12.06
N LYS B 216 7.13 3.46 -12.48
CA LYS B 216 6.81 3.32 -13.92
C LYS B 216 5.71 4.28 -14.35
N GLU B 217 4.78 4.51 -13.47
CA GLU B 217 3.72 5.43 -13.78
C GLU B 217 4.25 6.84 -13.84
N LEU B 218 5.25 7.15 -13.03
CA LEU B 218 5.72 8.49 -12.97
C LEU B 218 6.57 8.74 -14.20
N ILE B 219 7.35 7.76 -14.58
CA ILE B 219 8.13 7.84 -15.80
C ILE B 219 7.23 7.97 -17.00
N SER B 220 6.14 7.21 -17.02
CA SER B 220 5.21 7.30 -18.14
C SER B 220 4.54 8.68 -18.20
N TYR B 221 4.19 9.22 -17.05
CA TYR B 221 3.64 10.55 -17.04
C TYR B 221 4.65 11.58 -17.54
N VAL B 222 5.87 11.55 -17.09
CA VAL B 222 6.73 12.61 -17.57
C VAL B 222 7.04 12.46 -19.04
N LEU B 223 6.95 11.26 -19.61
CA LEU B 223 7.31 11.10 -21.02
C LEU B 223 6.17 11.43 -21.94
N ASN B 224 4.97 11.51 -21.40
CA ASN B 224 3.77 11.61 -22.26
C ASN B 224 2.91 12.85 -22.00
N SER B 225 3.16 13.57 -20.92
CA SER B 225 2.34 14.72 -20.64
C SER B 225 3.08 16.02 -20.94
N ASP B 226 2.38 17.11 -20.68
CA ASP B 226 2.93 18.46 -20.70
C ASP B 226 3.59 18.89 -19.38
N LEU B 227 3.58 18.00 -18.40
CA LEU B 227 4.27 18.20 -17.14
C LEU B 227 3.62 19.22 -16.27
N SER B 228 2.40 19.59 -16.59
CA SER B 228 1.71 20.60 -15.84
C SER B 228 1.28 20.13 -14.47
N GLU B 229 1.15 18.82 -14.30
CA GLU B 229 0.73 18.20 -13.02
C GLU B 229 1.87 17.41 -12.35
N TYR B 230 3.08 17.61 -12.81
CA TYR B 230 4.21 16.84 -12.29
C TYR B 230 4.34 16.89 -10.79
N HIS B 231 4.27 18.06 -10.23
CA HIS B 231 4.50 18.22 -8.81
C HIS B 231 3.50 17.37 -8.07
N ASN B 232 2.29 17.32 -8.58
CA ASN B 232 1.22 16.62 -7.95
C ASN B 232 1.53 15.14 -7.98
N LYS B 233 1.96 14.67 -9.13
CA LYS B 233 2.26 13.27 -9.30
C LYS B 233 3.54 12.84 -8.68
N LEU B 234 4.49 13.74 -8.57
CA LEU B 234 5.70 13.42 -7.87
C LEU B 234 5.37 13.17 -6.40
N VAL B 235 4.61 14.05 -5.80
CA VAL B 235 4.31 13.87 -4.40
C VAL B 235 3.56 12.52 -4.18
N LYS B 236 2.58 12.20 -5.01
CA LYS B 236 1.87 10.96 -4.87
C LYS B 236 2.85 9.80 -4.95
N ALA B 237 3.80 9.89 -5.86
CA ALA B 237 4.79 8.83 -6.03
C ALA B 237 5.67 8.70 -4.81
N LEU B 238 6.14 9.82 -4.32
CA LEU B 238 6.99 9.81 -3.13
C LEU B 238 6.29 9.19 -1.96
N VAL B 239 5.04 9.57 -1.79
CA VAL B 239 4.21 9.03 -0.72
C VAL B 239 4.00 7.54 -0.87
N GLY B 240 3.72 7.09 -2.09
CA GLY B 240 3.39 5.67 -2.36
C GLY B 240 4.63 4.86 -2.08
N SER B 241 5.72 5.43 -2.49
CA SER B 241 6.98 4.81 -2.27
C SER B 241 7.27 4.66 -0.77
N GLY B 242 6.87 5.66 -0.01
CA GLY B 242 6.91 5.57 1.44
C GLY B 242 6.11 4.44 2.01
N ILE B 243 4.91 4.27 1.50
CA ILE B 243 4.04 3.19 1.93
C ILE B 243 4.66 1.84 1.61
N ALA B 244 5.35 1.72 0.48
CA ALA B 244 5.90 0.40 0.11
C ALA B 244 6.94 -0.04 1.13
N ILE B 245 7.76 0.92 1.55
CA ILE B 245 8.75 0.72 2.54
C ILE B 245 8.10 0.24 3.83
N ALA B 246 7.00 0.86 4.22
CA ALA B 246 6.34 0.54 5.50
C ALA B 246 5.82 -0.87 5.43
N ILE B 247 5.31 -1.19 4.26
CA ILE B 247 4.57 -2.39 4.05
C ILE B 247 5.50 -3.57 3.98
N ALA B 248 6.69 -3.36 3.47
CA ALA B 248 7.69 -4.38 3.40
C ALA B 248 8.58 -4.40 4.62
N ASN B 249 8.40 -3.47 5.52
CA ASN B 249 9.30 -3.32 6.63
C ASN B 249 10.76 -3.27 6.26
N SER B 250 11.06 -2.58 5.18
CA SER B 250 12.40 -2.54 4.67
C SER B 250 12.49 -1.43 3.67
N SER B 251 13.67 -0.88 3.51
CA SER B 251 13.88 0.15 2.53
C SER B 251 14.14 -0.44 1.18
N ARG B 252 14.24 -1.75 1.12
CA ARG B 252 14.54 -2.49 -0.11
C ARG B 252 13.76 -2.10 -1.32
N PRO B 253 12.39 -1.92 -1.18
CA PRO B 253 11.72 -1.53 -2.43
C PRO B 253 12.06 -0.14 -2.98
N ALA B 254 12.74 0.67 -2.20
CA ALA B 254 13.05 2.08 -2.54
C ALA B 254 14.53 2.40 -2.63
N SER B 255 15.38 1.52 -2.15
CA SER B 255 16.79 1.82 -2.10
C SER B 255 17.65 0.61 -2.38
N GLY B 256 18.53 0.68 -3.38
CA GLY B 256 19.48 -0.38 -3.68
C GLY B 256 20.84 0.19 -4.08
N SER B 257 21.51 -0.45 -5.03
CA SER B 257 22.85 -0.05 -5.38
C SER B 257 22.99 1.41 -5.82
N GLU B 258 21.92 1.97 -6.39
CA GLU B 258 21.96 3.34 -6.83
C GLU B 258 22.13 4.29 -5.67
N HIS B 259 21.58 3.91 -4.54
CA HIS B 259 21.70 4.66 -3.34
C HIS B 259 23.06 4.41 -2.75
N LEU B 260 23.58 3.20 -2.87
CA LEU B 260 24.91 2.96 -2.39
C LEU B 260 25.85 3.93 -3.11
N PHE B 261 25.69 4.05 -4.40
CA PHE B 261 26.56 4.88 -5.20
C PHE B 261 26.47 6.31 -4.67
N SER B 262 25.29 6.72 -4.32
CA SER B 262 25.10 8.04 -3.82
C SER B 262 25.83 8.25 -2.51
N HIS B 263 25.67 7.33 -1.57
CA HIS B 263 26.34 7.44 -0.27
C HIS B 263 27.87 7.53 -0.47
N ALA B 264 28.38 6.76 -1.42
CA ALA B 264 29.79 6.77 -1.72
C ALA B 264 30.27 8.15 -2.22
N LEU B 265 29.49 8.76 -3.09
CA LEU B 265 29.76 10.11 -3.52
C LEU B 265 29.85 11.06 -2.35
N ASP B 266 28.91 10.95 -1.43
CA ASP B 266 28.85 11.82 -0.26
C ASP B 266 30.09 11.69 0.59
N LYS B 267 30.51 10.46 0.88
CA LYS B 267 31.76 10.21 1.60
C LYS B 267 32.91 10.98 0.97
N LEU B 268 33.01 10.90 -0.36
CA LEU B 268 34.12 11.51 -1.09
C LEU B 268 34.07 13.05 -1.13
N LYS B 269 32.88 13.61 -1.17
CA LYS B 269 32.74 15.04 -1.05
C LYS B 269 33.40 15.47 0.22
N GLU B 270 33.05 14.82 1.32
CA GLU B 270 33.65 15.08 2.62
C GLU B 270 35.16 14.79 2.65
N GLU B 271 35.53 13.63 2.13
CA GLU B 271 36.91 13.14 2.21
C GLU B 271 37.87 13.91 1.31
N TYR B 272 37.37 14.51 0.24
CA TYR B 272 38.18 15.37 -0.63
C TYR B 272 37.84 16.84 -0.47
N ASN B 273 36.99 17.15 0.50
CA ASN B 273 36.58 18.52 0.78
C ASN B 273 36.16 19.30 -0.47
N LEU B 274 35.35 18.65 -1.29
CA LEU B 274 34.77 19.29 -2.45
C LEU B 274 33.65 20.22 -2.05
N ASN B 275 33.39 21.22 -2.87
CA ASN B 275 32.34 22.17 -2.59
C ASN B 275 31.17 21.99 -3.55
N ILE B 276 30.81 20.75 -3.84
CA ILE B 276 29.75 20.49 -4.80
C ILE B 276 28.41 20.50 -4.13
N ASN B 277 27.51 21.32 -4.64
CA ASN B 277 26.13 21.30 -4.19
C ASN B 277 25.33 20.32 -5.02
N SER B 278 25.38 19.07 -4.61
CA SER B 278 24.72 17.98 -5.28
C SER B 278 23.65 17.39 -4.39
N LEU B 279 22.46 17.19 -4.93
CA LEU B 279 21.38 16.67 -4.16
C LEU B 279 21.31 15.17 -4.24
N HIS B 280 20.81 14.57 -3.18
CA HIS B 280 20.62 13.15 -3.04
C HIS B 280 19.85 12.48 -4.20
N GLY B 281 18.75 13.07 -4.63
CA GLY B 281 17.93 12.51 -5.68
C GLY B 281 18.59 12.66 -7.02
N GLU B 282 19.41 13.68 -7.17
CA GLU B 282 20.13 13.88 -8.40
C GLU B 282 21.15 12.82 -8.53
N GLN B 283 21.79 12.52 -7.43
CA GLN B 283 22.80 11.51 -7.37
C GLN B 283 22.22 10.12 -7.59
N CYS B 284 21.08 9.83 -6.97
CA CYS B 284 20.47 8.53 -7.12
C CYS B 284 19.97 8.31 -8.53
N GLY B 285 19.47 9.33 -9.19
CA GLY B 285 18.99 9.20 -10.56
C GLY B 285 20.09 8.75 -11.49
N ILE B 286 21.26 9.31 -11.31
CA ILE B 286 22.41 8.96 -12.08
C ILE B 286 22.93 7.59 -11.69
N GLY B 287 22.87 7.26 -10.42
CA GLY B 287 23.17 5.92 -10.01
C GLY B 287 22.19 4.95 -10.65
N THR B 288 20.98 5.40 -10.91
CA THR B 288 19.97 4.50 -11.44
C THR B 288 20.23 4.14 -12.89
N ILE B 289 20.64 5.16 -13.66
CA ILE B 289 21.02 4.98 -15.05
C ILE B 289 22.06 3.88 -15.12
N MET B 290 23.10 3.99 -14.31
CA MET B 290 24.23 3.07 -14.37
C MET B 290 23.88 1.67 -13.85
N MET B 291 23.27 1.59 -12.68
CA MET B 291 22.96 0.29 -12.10
C MET B 291 21.98 -0.47 -12.96
N SER B 292 21.04 0.23 -13.54
CA SER B 292 20.15 -0.36 -14.48
C SER B 292 20.95 -1.05 -15.61
N TYR B 293 21.99 -0.40 -16.11
CA TYR B 293 22.76 -0.94 -17.20
C TYR B 293 23.42 -2.23 -16.77
N LEU B 294 23.90 -2.29 -15.55
CA LEU B 294 24.49 -3.55 -15.08
C LEU B 294 23.47 -4.68 -15.11
N HIS B 295 22.25 -4.41 -14.65
CA HIS B 295 21.21 -5.42 -14.72
C HIS B 295 20.93 -5.80 -16.16
N GLU B 296 20.93 -4.82 -17.04
CA GLU B 296 20.61 -5.02 -18.44
C GLU B 296 21.57 -5.98 -19.11
N LYS B 297 22.84 -5.82 -18.83
CA LYS B 297 23.86 -6.78 -19.29
C LYS B 297 23.43 -8.22 -18.99
N GLU B 298 23.10 -8.49 -17.74
CA GLU B 298 22.70 -9.84 -17.32
C GLU B 298 21.31 -10.32 -17.76
N ASN B 299 20.44 -9.39 -18.12
CA ASN B 299 19.06 -9.71 -18.35
C ASN B 299 18.60 -8.97 -19.59
N LYS B 300 18.80 -9.58 -20.77
CA LYS B 300 18.54 -8.91 -22.05
C LYS B 300 17.10 -8.38 -22.16
N LYS B 301 16.21 -8.95 -21.38
CA LYS B 301 14.83 -8.55 -21.37
C LYS B 301 14.66 -7.10 -20.89
N LEU B 302 15.65 -6.61 -20.17
CA LEU B 302 15.65 -5.23 -19.68
C LEU B 302 16.44 -4.22 -20.56
N SER B 303 17.13 -4.70 -21.57
CA SER B 303 17.92 -3.84 -22.46
C SER B 303 17.10 -2.62 -22.89
N GLY B 304 17.68 -1.45 -22.68
CA GLY B 304 17.05 -0.20 -23.07
C GLY B 304 16.40 0.54 -21.93
N LEU B 305 16.33 -0.12 -20.79
CA LEU B 305 15.71 0.46 -19.59
C LEU B 305 16.49 1.67 -19.10
N HIS B 306 17.80 1.59 -19.15
CA HIS B 306 18.62 2.67 -18.71
C HIS B 306 18.49 3.88 -19.60
N GLU B 307 18.13 3.68 -20.85
CA GLU B 307 17.97 4.83 -21.72
C GLU B 307 16.67 5.49 -21.43
N LYS B 308 15.72 4.72 -20.92
CA LYS B 308 14.42 5.27 -20.60
C LYS B 308 14.43 6.08 -19.34
N ILE B 309 15.25 5.66 -18.40
CA ILE B 309 15.38 6.34 -17.18
C ILE B 309 16.11 7.61 -17.47
N LYS B 310 17.14 7.51 -18.30
CA LYS B 310 17.93 8.65 -18.71
C LYS B 310 17.02 9.71 -19.29
N MET B 311 16.17 9.29 -20.20
CA MET B 311 15.22 10.17 -20.84
C MET B 311 14.29 10.92 -19.91
N SER B 312 13.68 10.21 -18.98
CA SER B 312 12.71 10.81 -18.08
C SER B 312 13.39 11.81 -17.16
N LEU B 313 14.62 11.51 -16.73
CA LEU B 313 15.37 12.48 -15.96
C LEU B 313 15.66 13.74 -16.79
N LYS B 314 16.13 13.58 -18.02
CA LYS B 314 16.33 14.75 -18.91
C LYS B 314 15.04 15.57 -19.01
N LYS B 315 13.90 14.91 -19.12
CA LYS B 315 12.65 15.57 -19.42
C LYS B 315 12.18 16.46 -18.30
N VAL B 316 12.59 16.18 -17.09
CA VAL B 316 12.26 17.07 -15.98
C VAL B 316 13.49 17.79 -15.47
N ASP B 317 14.50 17.94 -16.30
CA ASP B 317 15.60 18.82 -15.96
C ASP B 317 16.52 18.29 -14.87
N ALA B 318 16.63 16.98 -14.75
CA ALA B 318 17.47 16.40 -13.73
C ALA B 318 18.79 15.97 -14.32
N PRO B 319 19.89 16.13 -13.51
CA PRO B 319 21.16 15.76 -14.14
C PRO B 319 21.29 14.32 -14.58
N THR B 320 22.00 14.08 -15.67
CA THR B 320 22.24 12.73 -16.15
C THR B 320 23.72 12.46 -16.39
N THR B 321 24.57 13.43 -16.12
CA THR B 321 26.00 13.22 -16.25
C THR B 321 26.76 13.91 -15.15
N ALA B 322 27.98 13.48 -14.94
CA ALA B 322 28.81 14.04 -13.91
C ALA B 322 29.06 15.53 -14.09
N LYS B 323 29.20 15.96 -15.32
CA LYS B 323 29.47 17.36 -15.59
C LYS B 323 28.36 18.24 -15.11
N GLU B 324 27.13 17.79 -15.34
CA GLU B 324 25.97 18.56 -14.94
C GLU B 324 25.85 18.48 -13.45
N LEU B 325 26.22 17.33 -12.93
CA LEU B 325 26.11 17.07 -11.51
C LEU B 325 27.17 17.87 -10.80
N GLY B 326 28.31 18.02 -11.46
CA GLY B 326 29.37 18.87 -10.97
C GLY B 326 30.66 18.17 -10.63
N PHE B 327 30.77 16.88 -10.91
CA PHE B 327 31.95 16.15 -10.48
C PHE B 327 32.99 15.89 -11.53
N ASP B 328 34.20 15.69 -11.04
CA ASP B 328 35.29 15.13 -11.82
C ASP B 328 34.94 13.67 -12.15
N GLU B 329 35.44 13.17 -13.28
CA GLU B 329 35.13 11.80 -13.70
C GLU B 329 35.69 10.79 -12.71
N ASP B 330 36.84 11.09 -12.12
CA ASP B 330 37.50 10.16 -11.20
C ASP B 330 36.70 9.92 -9.92
N ILE B 331 35.92 10.90 -9.49
CA ILE B 331 35.11 10.74 -8.29
C ILE B 331 33.99 9.71 -8.53
N ILE B 332 33.34 9.85 -9.68
CA ILE B 332 32.28 8.91 -10.13
C ILE B 332 32.84 7.51 -10.15
N ILE B 333 34.01 7.37 -10.72
CA ILE B 333 34.65 6.07 -10.89
C ILE B 333 34.99 5.50 -9.53
N GLU B 334 35.49 6.35 -8.65
CA GLU B 334 35.91 5.87 -7.35
C GLU B 334 34.73 5.49 -6.53
N ALA B 335 33.66 6.26 -6.69
CA ALA B 335 32.40 6.02 -5.98
C ALA B 335 31.75 4.69 -6.38
N LEU B 336 31.87 4.34 -7.64
CA LEU B 336 31.29 3.11 -8.11
C LEU B 336 32.08 1.97 -7.55
N THR B 337 33.39 2.09 -7.61
CA THR B 337 34.28 1.03 -7.05
C THR B 337 34.10 0.76 -5.55
N MET B 338 33.59 1.74 -4.78
CA MET B 338 33.47 1.60 -3.33
C MET B 338 32.02 1.63 -2.86
N ALA B 339 31.08 1.49 -3.77
CA ALA B 339 29.65 1.55 -3.43
C ALA B 339 29.17 0.33 -2.63
N HIS B 340 29.59 -0.85 -3.07
CA HIS B 340 29.21 -2.12 -2.44
C HIS B 340 29.57 -2.20 -0.97
N LYS B 341 30.74 -1.66 -0.61
CA LYS B 341 31.22 -1.67 0.79
C LYS B 341 30.41 -0.79 1.72
N ILE B 342 29.69 0.17 1.17
CA ILE B 342 28.97 1.17 1.96
C ILE B 342 27.99 0.58 2.98
N ARG B 343 27.23 -0.45 2.57
CA ARG B 343 26.28 -1.12 3.43
C ARG B 343 26.28 -2.63 3.15
N ASN B 344 25.96 -3.44 4.16
CA ASN B 344 25.89 -4.90 4.04
C ASN B 344 24.56 -5.32 3.34
N ARG B 345 24.46 -5.00 2.05
CA ARG B 345 23.25 -5.18 1.25
C ARG B 345 23.57 -5.66 -0.16
N TRP B 346 23.13 -6.85 -0.50
CA TRP B 346 23.46 -7.43 -1.77
C TRP B 346 22.78 -6.77 -2.95
N THR B 347 23.54 -6.51 -4.00
CA THR B 347 23.04 -5.87 -5.16
C THR B 347 23.78 -6.36 -6.38
N ILE B 348 23.37 -5.85 -7.55
CA ILE B 348 24.05 -6.15 -8.82
C ILE B 348 25.57 -5.89 -8.78
N LEU B 349 26.02 -4.99 -7.92
CA LEU B 349 27.44 -4.72 -7.77
C LEU B 349 28.16 -5.93 -7.30
N ARG B 350 27.50 -6.68 -6.46
CA ARG B 350 28.01 -7.93 -5.97
C ARG B 350 29.24 -7.76 -5.13
N ASP B 351 30.32 -8.46 -5.44
CA ASP B 351 31.47 -8.46 -4.58
C ASP B 351 32.30 -7.23 -4.83
N GLY B 352 31.94 -6.47 -5.84
CA GLY B 352 32.64 -5.26 -6.14
C GLY B 352 33.05 -5.10 -7.56
N LEU B 353 32.87 -3.88 -8.00
CA LEU B 353 33.40 -3.33 -9.23
C LEU B 353 34.85 -2.90 -9.24
N SER B 354 35.53 -3.28 -10.30
CA SER B 354 36.90 -2.85 -10.55
C SER B 354 36.92 -1.47 -11.19
N ARG B 355 38.04 -0.78 -11.00
CA ARG B 355 38.17 0.57 -11.50
C ARG B 355 37.94 0.74 -12.99
N GLU B 356 38.10 -0.32 -13.75
CA GLU B 356 37.94 -0.19 -15.18
C GLU B 356 36.58 -0.64 -15.58
N GLU B 357 36.03 -1.61 -14.85
CA GLU B 357 34.63 -1.96 -15.04
C GLU B 357 33.83 -0.70 -14.75
N ALA B 358 34.22 -0.02 -13.69
CA ALA B 358 33.62 1.24 -13.29
C ALA B 358 33.63 2.24 -14.42
N ARG B 359 34.81 2.73 -14.78
CA ARG B 359 34.98 3.66 -15.92
C ARG B 359 34.15 3.24 -17.14
N LYS B 360 34.33 1.98 -17.55
CA LYS B 360 33.61 1.37 -18.68
C LYS B 360 32.10 1.59 -18.55
N LEU B 361 31.56 1.25 -17.38
CA LEU B 361 30.16 1.47 -17.09
C LEU B 361 29.77 2.93 -17.20
N ALA B 362 30.55 3.80 -16.59
CA ALA B 362 30.28 5.23 -16.56
C ALA B 362 30.33 5.84 -17.96
N GLU B 363 31.18 5.28 -18.80
CA GLU B 363 31.27 5.82 -20.17
C GLU B 363 30.29 5.12 -21.13
N GLU B 364 30.08 3.82 -20.98
CA GLU B 364 29.05 3.12 -21.78
C GLU B 364 27.68 3.77 -21.62
N THR B 365 27.58 4.51 -20.53
CA THR B 365 26.34 4.88 -19.96
C THR B 365 26.09 6.37 -20.19
N GLY B 366 27.11 7.04 -20.68
CA GLY B 366 27.05 8.46 -20.96
C GLY B 366 27.30 9.35 -19.76
N VAL B 367 27.61 8.77 -18.61
CA VAL B 367 27.70 9.57 -17.40
C VAL B 367 29.01 10.32 -17.39
N ILE B 368 30.03 9.74 -18.05
CA ILE B 368 31.29 10.45 -18.38
C ILE B 368 31.70 10.16 -19.83
MG MG C . -11.93 -9.28 -3.39
ZN ZN D . -15.85 -9.31 -1.51
MG MG E . 13.51 5.50 -4.05
ZN ZN F . 16.49 8.08 -1.50
#